data_5AJ9
#
_entry.id   5AJ9
#
_cell.length_a   184.399
_cell.length_b   66.496
_cell.length_c   89.435
_cell.angle_alpha   90.00
_cell.angle_beta   93.84
_cell.angle_gamma   90.00
#
_symmetry.space_group_name_H-M   'C 1 2 1'
#
loop_
_entity.id
_entity.type
_entity.pdbx_description
1 polymer ARYLSULFATASE
2 non-polymer 'CALCIUM ION'
3 non-polymer 'SULFATE ION'
4 non-polymer '2-(N-MORPHOLINO)-ETHANESULFONIC ACID'
5 non-polymer 'CHLORIDE ION'
6 water water
#
_entity_poly.entity_id   1
_entity_poly.type   'polypeptide(L)'
_entity_poly.pdbx_seq_one_letter_code
;MSKRPNFLVIVADDLGFSDIGAFGGEIATPNLDALAIAGLRLTDFHTASA(DDZ)SPTRSMLLTGTDHHIAGLGTVAEAL
TPELEGKPGYEGHLNERVVALPELLREAGYQTLMAGKWHLGLKPEQTPHARGFERSFSLLPGAANHYGFEPPYDESTPRI
LKGTPALYVEDERYLDTLPEGFYSSDAFGDKLLQYLKERDQSRPFFAYLPFSAPHWPLQAPREIVEKYRGRYDAGPEALR
QERLARLKELGLVEADVEAHPVLALTREWEALEDEERAKSARAMEVYAAMVERMDWNIGRVVDYLRRQGELDNTFVLFMS
DNGAEGALLEAFPKFGPDLLDFLDRHYDNSLENIGSANSYVWYGPRWAQAATAPSRLYKAFTTQGGIRVPALVRYPRLSR
QGAISHAFATVMDVTPTLLDLAGVRHPGKRWRGREIAEPRGRSWLGWLSGETEAAHDENTVTGWGLFGMRAIRQGDWKAV
YLPAPVGPATWQLYDLARDPGEIHDLADSQPGKLAELIEHWKRYVSDTGVVEGASPFLVR
;
_entity_poly.pdbx_strand_id   A,B
#
loop_
_chem_comp.id
_chem_comp.type
_chem_comp.name
_chem_comp.formula
CA non-polymer 'CALCIUM ION' 'Ca 2'
CL non-polymer 'CHLORIDE ION' 'Cl -1'
MES non-polymer '2-(N-MORPHOLINO)-ETHANESULFONIC ACID' 'C6 H13 N O4 S'
SO4 non-polymer 'SULFATE ION' 'O4 S -2'
#
# COMPACT_ATOMS: atom_id res chain seq x y z
N LYS A 3 15.96 2.34 19.16
CA LYS A 3 15.52 2.72 17.78
C LYS A 3 14.71 4.06 17.73
N ARG A 4 15.40 5.20 17.67
CA ARG A 4 14.77 6.48 17.29
C ARG A 4 14.45 6.53 15.77
N PRO A 5 13.25 6.99 15.38
CA PRO A 5 12.85 6.98 13.97
C PRO A 5 13.48 8.03 13.09
N ASN A 6 13.56 7.69 11.81
CA ASN A 6 13.74 8.67 10.75
C ASN A 6 12.47 9.52 10.56
N PHE A 7 12.62 10.63 9.86
CA PHE A 7 11.50 11.47 9.52
C PHE A 7 11.54 11.76 8.04
N LEU A 8 10.35 11.73 7.44
CA LEU A 8 10.18 12.18 6.05
C LEU A 8 8.99 13.13 6.10
N VAL A 9 9.26 14.40 5.85
CA VAL A 9 8.23 15.43 5.84
C VAL A 9 8.18 15.93 4.39
N ILE A 10 7.09 15.60 3.75
CA ILE A 10 6.80 15.98 2.38
C ILE A 10 5.71 17.05 2.39
N VAL A 11 5.98 18.12 1.68
CA VAL A 11 5.07 19.26 1.58
C VAL A 11 4.81 19.51 0.08
N ALA A 12 3.53 19.45 -0.29
CA ALA A 12 3.08 19.86 -1.62
C ALA A 12 2.73 21.38 -1.54
N ASP A 13 2.94 22.09 -2.65
CA ASP A 13 2.81 23.54 -2.67
C ASP A 13 1.44 23.86 -3.36
N ASP A 14 0.41 24.20 -2.58
CA ASP A 14 -0.91 24.59 -3.13
C ASP A 14 -1.72 23.38 -3.65
N LEU A 15 -1.42 22.18 -3.19
CA LEU A 15 -2.23 21.02 -3.56
C LEU A 15 -3.60 21.10 -2.83
N GLY A 16 -4.70 20.85 -3.52
CA GLY A 16 -6.06 20.97 -2.91
C GLY A 16 -6.44 19.77 -2.06
N PHE A 17 -7.32 20.01 -1.10
CA PHE A 17 -7.74 18.99 -0.18
C PHE A 17 -8.16 17.63 -0.82
N SER A 18 -8.93 17.67 -1.91
CA SER A 18 -9.46 16.41 -2.50
C SER A 18 -8.77 15.98 -3.79
N ASP A 19 -7.54 16.45 -4.03
CA ASP A 19 -6.88 16.13 -5.32
C ASP A 19 -6.36 14.67 -5.37
N ILE A 20 -5.81 14.22 -4.24
CA ILE A 20 -5.26 12.87 -4.11
C ILE A 20 -6.38 11.82 -4.01
N GLY A 21 -6.13 10.68 -4.62
CA GLY A 21 -7.04 9.54 -4.62
C GLY A 21 -7.65 9.21 -3.29
N ALA A 22 -6.82 9.01 -2.28
CA ALA A 22 -7.32 8.71 -0.90
C ALA A 22 -8.05 9.90 -0.21
N PHE A 23 -8.03 11.10 -0.80
CA PHE A 23 -8.78 12.23 -0.30
C PHE A 23 -9.95 12.55 -1.26
N GLY A 24 -10.35 11.61 -2.09
CA GLY A 24 -11.52 11.80 -2.97
C GLY A 24 -11.24 12.13 -4.40
N GLY A 25 -9.97 12.13 -4.78
CA GLY A 25 -9.58 12.64 -6.10
C GLY A 25 -9.48 11.62 -7.22
N GLU A 26 -9.60 12.12 -8.46
CA GLU A 26 -9.42 11.30 -9.67
C GLU A 26 -7.94 11.28 -10.18
N ILE A 27 -7.07 12.09 -9.59
CA ILE A 27 -5.65 12.10 -10.04
C ILE A 27 -4.96 10.81 -9.62
N ALA A 28 -4.13 10.23 -10.48
CA ALA A 28 -3.44 8.98 -10.13
C ALA A 28 -2.32 9.30 -9.15
N THR A 29 -2.47 8.87 -7.91
CA THR A 29 -1.46 9.15 -6.86
C THR A 29 -1.26 7.86 -6.09
N PRO A 30 -0.78 6.82 -6.77
CA PRO A 30 -0.72 5.50 -6.05
C PRO A 30 0.16 5.52 -4.77
N ASN A 31 1.28 6.25 -4.77
CA ASN A 31 2.23 6.15 -3.66
C ASN A 31 1.69 6.82 -2.43
N LEU A 32 1.18 8.03 -2.61
CA LEU A 32 0.49 8.67 -1.52
C LEU A 32 -0.75 7.91 -1.06
N ASP A 33 -1.50 7.36 -1.97
CA ASP A 33 -2.65 6.54 -1.58
C ASP A 33 -2.26 5.43 -0.63
N ALA A 34 -1.17 4.74 -0.92
CA ALA A 34 -0.69 3.64 -0.07
C ALA A 34 -0.32 4.11 1.35
N LEU A 35 0.38 5.23 1.42
CA LEU A 35 0.69 5.89 2.69
C LEU A 35 -0.57 6.32 3.41
N ALA A 36 -1.48 6.96 2.70
CA ALA A 36 -2.66 7.56 3.31
C ALA A 36 -3.56 6.51 3.93
N ILE A 37 -3.86 5.48 3.15
CA ILE A 37 -4.83 4.50 3.59
C ILE A 37 -4.32 3.66 4.72
N ALA A 38 -3.02 3.33 4.65
CA ALA A 38 -2.31 2.63 5.76
C ALA A 38 -2.15 3.52 6.99
N GLY A 39 -1.91 4.80 6.75
CA GLY A 39 -1.71 5.74 7.83
C GLY A 39 -3.00 6.35 8.31
N LEU A 40 -2.90 7.62 8.74
CA LEU A 40 -4.01 8.32 9.34
C LEU A 40 -4.24 9.56 8.55
N ARG A 41 -5.42 9.68 7.97
CA ARG A 41 -5.80 10.88 7.20
C ARG A 41 -6.50 11.84 8.13
N LEU A 42 -6.05 13.09 8.05
CA LEU A 42 -6.50 14.18 8.91
C LEU A 42 -7.42 15.09 8.11
N THR A 43 -8.64 15.30 8.59
CA THR A 43 -9.56 16.18 7.91
C THR A 43 -9.71 17.51 8.63
N ASP A 44 -8.96 17.74 9.72
CA ASP A 44 -9.11 18.99 10.52
C ASP A 44 -7.70 19.51 10.85
N PHE A 45 -6.74 19.35 9.91
CA PHE A 45 -5.40 19.77 10.04
C PHE A 45 -5.31 21.07 9.33
N HIS A 46 -4.59 22.03 9.93
CA HIS A 46 -4.55 23.43 9.51
C HIS A 46 -3.16 24.01 9.37
N THR A 47 -3.00 24.83 8.37
CA THR A 47 -1.81 25.61 8.14
C THR A 47 -2.17 27.05 8.27
N ALA A 48 -1.23 27.92 7.86
CA ALA A 48 -1.54 29.29 7.52
C ALA A 48 -2.13 29.35 6.10
N SER A 49 -2.61 30.53 5.71
CA SER A 49 -3.32 30.71 4.43
C SER A 49 -2.36 30.90 3.27
N ALA A 50 -1.04 31.00 3.54
CA ALA A 50 -0.03 31.08 2.49
C ALA A 50 1.28 30.31 2.79
N DDZ A 51 2.13 30.21 1.77
CA DDZ A 51 3.30 29.31 1.74
C DDZ A 51 4.38 29.55 2.76
O DDZ A 51 4.61 28.68 3.62
OG1 DDZ A 51 2.89 29.20 -0.76
OG2 DDZ A 51 5.08 28.66 0.22
CB DDZ A 51 3.87 29.44 0.33
N SER A 52 5.04 30.72 2.72
CA SER A 52 6.12 31.04 3.66
C SER A 52 5.69 31.16 5.18
N PRO A 53 4.50 31.71 5.48
CA PRO A 53 4.05 31.62 6.84
C PRO A 53 3.86 30.19 7.31
N THR A 54 3.23 29.36 6.52
CA THR A 54 3.13 27.92 6.94
C THR A 54 4.51 27.25 7.20
N ARG A 55 5.43 27.51 6.30
CA ARG A 55 6.74 26.84 6.37
C ARG A 55 7.53 27.23 7.59
N SER A 56 7.39 28.51 7.96
CA SER A 56 7.99 29.10 9.14
C SER A 56 7.41 28.42 10.37
N MET A 57 6.14 28.12 10.31
CA MET A 57 5.46 27.46 11.45
C MET A 57 5.88 25.99 11.50
N LEU A 58 5.94 25.36 10.36
CA LEU A 58 6.24 23.92 10.34
C LEU A 58 7.61 23.66 10.99
N LEU A 59 8.59 24.48 10.63
CA LEU A 59 9.95 24.30 11.12
C LEU A 59 10.31 24.89 12.51
N THR A 60 9.40 25.57 13.18
CA THR A 60 9.66 26.20 14.50
C THR A 60 8.67 25.74 15.55
N GLY A 61 7.44 25.42 15.17
CA GLY A 61 6.42 25.11 16.19
C GLY A 61 5.65 26.31 16.77
N THR A 62 5.94 27.51 16.28
CA THR A 62 5.26 28.72 16.75
C THR A 62 4.61 29.45 15.59
N ASP A 63 3.96 30.55 15.92
CA ASP A 63 3.24 31.34 14.96
C ASP A 63 4.18 32.07 14.03
N HIS A 64 3.75 32.24 12.78
CA HIS A 64 4.58 32.92 11.77
C HIS A 64 4.87 34.43 12.09
N HIS A 65 3.99 35.06 12.83
CA HIS A 65 4.18 36.45 13.25
C HIS A 65 5.34 36.60 14.25
N ILE A 66 5.73 35.51 14.89
CA ILE A 66 6.93 35.46 15.75
C ILE A 66 8.19 35.16 14.93
N ALA A 67 8.08 34.26 13.96
CA ALA A 67 9.22 33.57 13.37
C ALA A 67 9.91 34.34 12.26
N GLY A 68 9.35 35.48 11.84
CA GLY A 68 9.98 36.28 10.75
C GLY A 68 9.15 36.50 9.46
N LEU A 69 8.02 35.79 9.35
CA LEU A 69 7.12 35.76 8.18
C LEU A 69 5.72 36.27 8.59
N GLY A 70 5.71 37.43 9.22
CA GLY A 70 4.48 38.01 9.73
C GLY A 70 3.60 38.32 8.55
N THR A 71 4.24 38.76 7.48
CA THR A 71 3.67 38.68 6.17
C THR A 71 4.64 38.05 5.21
N VAL A 72 4.18 37.85 3.98
CA VAL A 72 5.03 37.30 2.92
C VAL A 72 6.11 38.28 2.51
N ALA A 73 7.33 37.78 2.33
CA ALA A 73 8.49 38.62 2.04
C ALA A 73 8.22 39.63 0.91
N GLU A 74 7.40 39.19 -0.05
CA GLU A 74 7.13 39.90 -1.26
C GLU A 74 6.19 41.11 -1.04
N ALA A 75 5.54 41.17 0.12
CA ALA A 75 4.58 42.24 0.45
C ALA A 75 5.07 43.16 1.60
N LEU A 76 6.37 43.23 1.83
CA LEU A 76 6.93 44.04 2.90
C LEU A 76 7.01 45.51 2.53
N THR A 77 6.18 46.32 3.17
CA THR A 77 6.07 47.76 2.94
C THR A 77 6.95 48.47 3.96
N PRO A 78 6.98 49.83 3.95
CA PRO A 78 7.76 50.53 4.99
C PRO A 78 7.13 50.45 6.41
N GLU A 79 5.80 50.42 6.49
CA GLU A 79 5.10 50.31 7.77
C GLU A 79 5.21 48.97 8.51
N LEU A 80 5.66 47.92 7.81
CA LEU A 80 5.91 46.61 8.40
C LEU A 80 7.42 46.31 8.51
N GLU A 81 8.21 46.72 7.51
CA GLU A 81 9.66 46.46 7.49
C GLU A 81 10.31 47.14 8.71
N GLY A 82 11.11 46.37 9.46
CA GLY A 82 11.64 46.82 10.75
C GLY A 82 10.95 46.17 11.96
N LYS A 83 9.66 45.87 11.85
CA LYS A 83 8.89 45.30 12.98
C LYS A 83 9.34 43.86 13.30
N PRO A 84 9.32 43.50 14.59
CA PRO A 84 9.83 42.20 15.01
C PRO A 84 8.91 41.03 14.57
N GLY A 85 9.50 40.09 13.83
CA GLY A 85 8.80 38.99 13.21
C GLY A 85 8.32 39.25 11.80
N TYR A 86 8.68 40.43 11.25
CA TYR A 86 8.38 40.83 9.88
C TYR A 86 9.67 41.05 9.10
N GLU A 87 10.69 40.25 9.41
CA GLU A 87 11.97 40.37 8.76
C GLU A 87 11.97 39.82 7.34
N GLY A 88 11.00 38.97 6.98
CA GLY A 88 10.93 38.39 5.62
C GLY A 88 11.76 37.12 5.44
N HIS A 89 12.26 36.59 6.55
CA HIS A 89 13.03 35.36 6.54
C HIS A 89 12.92 34.80 7.93
N LEU A 90 13.27 33.52 8.05
CA LEU A 90 13.33 32.89 9.33
C LEU A 90 14.44 33.62 10.07
N ASN A 91 14.16 33.95 11.32
CA ASN A 91 14.86 35.01 12.02
C ASN A 91 15.61 34.44 13.25
N GLU A 92 16.09 35.35 14.09
CA GLU A 92 17.00 35.06 15.18
C GLU A 92 16.21 34.66 16.45
N ARG A 93 14.92 35.01 16.52
CA ARG A 93 14.07 34.74 17.72
C ARG A 93 13.47 33.32 17.76
N VAL A 94 13.81 32.49 16.79
CA VAL A 94 13.39 31.08 16.82
C VAL A 94 14.53 30.16 16.46
N VAL A 95 14.38 28.92 16.88
CA VAL A 95 15.28 27.84 16.55
C VAL A 95 14.50 26.81 15.67
N ALA A 96 15.13 26.45 14.55
CA ALA A 96 14.45 25.64 13.55
C ALA A 96 14.62 24.15 13.89
N LEU A 97 13.58 23.36 13.68
CA LEU A 97 13.60 21.90 13.83
C LEU A 97 14.88 21.18 13.38
N PRO A 98 15.35 21.39 12.13
CA PRO A 98 16.57 20.70 11.74
C PRO A 98 17.85 21.10 12.54
N GLU A 99 17.94 22.34 13.01
CA GLU A 99 19.07 22.75 13.85
C GLU A 99 19.12 21.88 15.08
N LEU A 100 17.94 21.65 15.69
CA LEU A 100 17.82 20.82 16.85
C LEU A 100 18.07 19.32 16.61
N LEU A 101 17.61 18.79 15.48
CA LEU A 101 17.79 17.35 15.19
C LEU A 101 19.22 17.08 14.84
N ARG A 102 19.84 18.00 14.11
CA ARG A 102 21.22 17.88 13.76
C ARG A 102 22.15 17.82 15.01
N GLU A 103 21.88 18.65 16.01
CA GLU A 103 22.53 18.57 17.34
C GLU A 103 22.43 17.17 17.91
N ALA A 104 21.27 16.53 17.73
CA ALA A 104 20.98 15.21 18.31
C ALA A 104 21.26 14.04 17.39
N GLY A 105 22.17 14.22 16.43
CA GLY A 105 22.66 13.10 15.63
C GLY A 105 22.06 12.86 14.28
N TYR A 106 20.92 13.52 14.00
CA TYR A 106 20.23 13.32 12.72
C TYR A 106 21.03 13.87 11.57
N GLN A 107 20.99 13.13 10.45
CA GLN A 107 21.42 13.67 9.15
C GLN A 107 20.20 14.45 8.64
N THR A 108 20.37 15.76 8.44
CA THR A 108 19.34 16.67 7.95
C THR A 108 19.51 16.86 6.46
N LEU A 109 18.50 16.43 5.70
CA LEU A 109 18.57 16.29 4.26
C LEU A 109 17.36 17.03 3.67
N MET A 110 17.57 17.84 2.66
CA MET A 110 16.47 18.63 2.03
C MET A 110 16.64 18.73 0.56
N ALA A 111 15.56 18.59 -0.18
CA ALA A 111 15.51 18.94 -1.58
C ALA A 111 14.11 19.52 -1.85
N GLY A 112 14.04 20.78 -2.25
CA GLY A 112 12.76 21.44 -2.46
C GLY A 112 12.77 22.92 -2.31
N LYS A 113 11.57 23.46 -2.29
CA LYS A 113 11.38 24.89 -2.17
C LYS A 113 11.65 25.24 -0.72
N TRP A 114 12.36 26.35 -0.53
CA TRP A 114 12.65 26.87 0.80
C TRP A 114 11.67 27.99 1.17
N HIS A 115 11.79 29.13 0.48
CA HIS A 115 10.93 30.29 0.70
C HIS A 115 11.06 30.91 2.11
N LEU A 116 12.19 30.65 2.77
CA LEU A 116 12.39 31.17 4.15
C LEU A 116 13.62 32.12 4.21
N GLY A 117 14.05 32.64 3.05
CA GLY A 117 15.13 33.59 2.96
C GLY A 117 15.99 33.28 1.78
N LEU A 118 16.58 34.33 1.22
CA LEU A 118 17.35 34.26 0.00
C LEU A 118 18.85 34.47 0.18
N LYS A 119 19.29 35.06 1.29
CA LYS A 119 20.72 35.37 1.52
C LYS A 119 21.43 34.18 2.16
N PRO A 120 22.75 34.04 1.91
CA PRO A 120 23.61 32.94 2.43
C PRO A 120 23.39 32.53 3.87
N GLU A 121 23.26 33.52 4.71
CA GLU A 121 22.98 33.34 6.13
C GLU A 121 21.55 32.89 6.43
N GLN A 122 20.69 32.83 5.40
CA GLN A 122 19.25 32.43 5.59
C GLN A 122 18.87 31.10 4.93
N THR A 123 19.87 30.45 4.33
CA THR A 123 19.68 29.26 3.51
C THR A 123 19.36 28.02 4.34
N PRO A 124 18.86 26.95 3.70
CA PRO A 124 18.73 25.69 4.44
C PRO A 124 20.06 25.30 5.12
N HIS A 125 21.15 25.41 4.37
CA HIS A 125 22.47 25.18 4.96
C HIS A 125 22.74 26.01 6.23
N ALA A 126 22.48 27.33 6.17
CA ALA A 126 22.59 28.17 7.37
C ALA A 126 21.62 27.82 8.44
N ARG A 127 20.42 27.29 8.11
CA ARG A 127 19.44 26.92 9.18
C ARG A 127 19.34 25.41 9.53
N GLY A 128 20.42 24.68 9.28
CA GLY A 128 20.61 23.39 9.93
C GLY A 128 20.51 22.15 9.06
N PHE A 129 20.51 22.30 7.75
CA PHE A 129 20.55 21.15 6.87
C PHE A 129 21.98 20.88 6.50
N GLU A 130 22.43 19.64 6.69
CA GLU A 130 23.76 19.22 6.24
C GLU A 130 23.80 19.22 4.74
N ARG A 131 22.75 18.69 4.11
CA ARG A 131 22.70 18.63 2.66
C ARG A 131 21.38 19.18 2.14
N SER A 132 21.46 20.02 1.13
CA SER A 132 20.32 20.73 0.61
C SER A 132 20.48 21.07 -0.84
N PHE A 133 19.40 20.90 -1.61
CA PHE A 133 19.28 21.31 -2.99
C PHE A 133 17.95 22.08 -2.99
N SER A 134 18.01 23.40 -3.18
CA SER A 134 16.84 24.23 -2.90
C SER A 134 16.61 25.39 -3.85
N LEU A 135 15.32 25.53 -4.25
CA LEU A 135 14.78 26.73 -4.77
C LEU A 135 14.55 27.69 -3.64
N LEU A 136 15.22 28.81 -3.68
CA LEU A 136 15.04 29.77 -2.56
C LEU A 136 13.75 30.61 -2.58
N PRO A 137 13.31 31.11 -3.74
CA PRO A 137 12.06 31.92 -3.77
C PRO A 137 10.77 31.06 -3.63
N GLY A 138 9.61 31.71 -3.70
CA GLY A 138 8.31 31.04 -3.57
C GLY A 138 7.79 30.30 -4.78
N ALA A 139 8.37 30.58 -5.93
CA ALA A 139 8.06 29.90 -7.15
C ALA A 139 9.13 30.17 -8.17
N ALA A 140 9.07 29.40 -9.22
CA ALA A 140 9.93 29.55 -10.39
C ALA A 140 9.40 28.62 -11.48
N ASN A 141 9.87 28.86 -12.68
CA ASN A 141 9.58 28.06 -13.80
C ASN A 141 10.11 26.65 -13.51
N HIS A 142 9.25 25.63 -13.66
CA HIS A 142 9.65 24.28 -13.28
C HIS A 142 10.76 23.68 -14.13
N TYR A 143 10.90 24.21 -15.35
CA TYR A 143 11.96 23.84 -16.26
C TYR A 143 13.17 24.76 -16.24
N GLY A 144 13.21 25.82 -15.42
CA GLY A 144 14.31 26.79 -15.43
C GLY A 144 14.38 27.72 -16.61
N PHE A 145 13.30 27.84 -17.38
CA PHE A 145 13.23 28.80 -18.48
C PHE A 145 12.88 30.14 -17.84
N GLU A 146 13.67 31.14 -18.20
CA GLU A 146 13.59 32.44 -17.55
C GLU A 146 13.22 33.50 -18.55
N PRO A 147 12.34 34.43 -18.16
CA PRO A 147 12.08 35.55 -19.03
C PRO A 147 13.23 36.57 -18.89
N PRO A 148 13.26 37.57 -19.76
CA PRO A 148 14.19 38.68 -19.46
C PRO A 148 13.84 39.40 -18.14
N TYR A 149 14.88 39.74 -17.39
CA TYR A 149 14.80 40.45 -16.16
C TYR A 149 15.32 41.87 -16.36
N ASP A 150 14.39 42.80 -16.50
CA ASP A 150 14.71 44.19 -16.44
C ASP A 150 13.50 44.98 -15.93
N GLU A 151 13.59 46.30 -16.02
CA GLU A 151 12.51 47.19 -15.61
C GLU A 151 11.12 46.92 -16.20
N SER A 152 11.05 46.34 -17.37
CA SER A 152 9.76 46.06 -17.95
C SER A 152 9.18 44.74 -17.45
N THR A 153 9.90 44.00 -16.59
CA THR A 153 9.43 42.68 -16.18
C THR A 153 8.37 42.83 -15.07
N PRO A 154 7.19 42.13 -15.20
CA PRO A 154 6.21 42.13 -14.10
C PRO A 154 6.81 41.75 -12.76
N ARG A 155 6.40 42.45 -11.72
CA ARG A 155 6.88 42.20 -10.38
C ARG A 155 6.79 40.72 -9.94
N ILE A 156 5.67 40.07 -10.21
CA ILE A 156 5.51 38.63 -9.89
C ILE A 156 6.58 37.72 -10.55
N LEU A 157 6.95 38.01 -11.80
CA LEU A 157 8.08 37.32 -12.40
C LEU A 157 9.41 37.68 -11.72
N LYS A 158 9.65 38.97 -11.44
CA LYS A 158 10.95 39.38 -10.83
C LYS A 158 11.19 38.69 -9.51
N GLY A 159 10.14 38.51 -8.72
CA GLY A 159 10.21 37.86 -7.45
C GLY A 159 10.32 36.35 -7.49
N THR A 160 10.28 35.69 -8.67
CA THR A 160 10.25 34.22 -8.81
C THR A 160 11.29 33.72 -9.79
N PRO A 161 12.58 34.19 -9.65
CA PRO A 161 13.61 33.55 -10.46
C PRO A 161 13.96 32.12 -10.01
N ALA A 162 14.62 31.40 -10.89
CA ALA A 162 15.07 30.04 -10.63
C ALA A 162 16.41 30.15 -9.89
N LEU A 163 16.30 30.54 -8.64
CA LEU A 163 17.44 30.78 -7.78
C LEU A 163 17.62 29.59 -6.89
N TYR A 164 18.57 28.75 -7.27
CA TYR A 164 18.85 27.50 -6.62
C TYR A 164 20.18 27.52 -5.92
N VAL A 165 20.20 26.94 -4.72
CA VAL A 165 21.46 26.67 -4.03
C VAL A 165 21.60 25.16 -3.78
N GLU A 166 22.86 24.70 -3.76
CA GLU A 166 23.19 23.37 -3.25
C GLU A 166 24.24 23.59 -2.16
N ASP A 167 23.81 23.40 -0.92
CA ASP A 167 24.61 23.71 0.28
C ASP A 167 24.94 25.21 0.42
N GLU A 168 26.16 25.65 0.08
CA GLU A 168 26.56 27.06 0.12
C GLU A 168 26.78 27.60 -1.29
N ARG A 169 26.77 26.73 -2.31
CA ARG A 169 26.98 27.12 -3.70
C ARG A 169 25.64 27.53 -4.32
N TYR A 170 25.50 28.81 -4.61
CA TYR A 170 24.45 29.36 -5.46
C TYR A 170 24.75 28.91 -6.84
N LEU A 171 23.85 28.12 -7.45
CA LEU A 171 24.17 27.44 -8.72
C LEU A 171 24.25 28.37 -9.91
N ASP A 172 25.20 28.10 -10.79
CA ASP A 172 25.36 28.88 -12.04
C ASP A 172 24.41 28.37 -13.15
N THR A 173 24.35 27.05 -13.33
CA THR A 173 23.43 26.38 -14.28
C THR A 173 22.58 25.31 -13.54
N LEU A 174 21.57 24.78 -14.22
CA LEU A 174 20.78 23.68 -13.62
C LEU A 174 21.17 22.32 -14.19
N PRO A 175 20.97 21.24 -13.44
CA PRO A 175 21.27 19.93 -14.05
C PRO A 175 20.61 19.76 -15.38
N GLU A 176 21.18 18.90 -16.21
CA GLU A 176 20.61 18.63 -17.54
C GLU A 176 19.18 18.05 -17.38
N GLY A 177 18.28 18.42 -18.29
CA GLY A 177 16.87 17.97 -18.29
C GLY A 177 16.08 18.30 -17.04
N PHE A 178 16.34 19.47 -16.45
CA PHE A 178 15.76 19.92 -15.22
C PHE A 178 14.21 20.03 -15.30
N TYR A 179 13.57 19.37 -14.35
CA TYR A 179 12.11 19.51 -14.10
C TYR A 179 12.02 19.40 -12.60
N SER A 180 11.54 20.45 -11.97
CA SER A 180 11.68 20.64 -10.55
C SER A 180 11.41 19.41 -9.76
N SER A 181 10.23 18.84 -9.97
CA SER A 181 9.85 17.68 -9.14
C SER A 181 10.81 16.49 -9.25
N ASP A 182 11.26 16.21 -10.47
CA ASP A 182 12.29 15.20 -10.75
C ASP A 182 13.65 15.51 -10.16
N ALA A 183 14.05 16.78 -10.20
CA ALA A 183 15.32 17.23 -9.60
C ALA A 183 15.34 17.07 -8.10
N PHE A 184 14.20 17.40 -7.46
CA PHE A 184 14.08 17.22 -6.05
C PHE A 184 14.06 15.73 -5.70
N GLY A 185 13.35 14.96 -6.47
CA GLY A 185 13.36 13.49 -6.26
C GLY A 185 14.77 12.93 -6.42
N ASP A 186 15.45 13.34 -7.48
CA ASP A 186 16.81 12.85 -7.77
C ASP A 186 17.80 13.16 -6.63
N LYS A 187 17.75 14.40 -6.16
CA LYS A 187 18.60 14.89 -5.12
C LYS A 187 18.36 14.30 -3.76
N LEU A 188 17.12 14.25 -3.30
CA LEU A 188 16.87 13.60 -2.04
C LEU A 188 17.31 12.13 -2.11
N LEU A 189 17.10 11.50 -3.25
CA LEU A 189 17.42 10.09 -3.37
C LEU A 189 18.96 9.89 -3.27
N GLN A 190 19.68 10.77 -3.95
CA GLN A 190 21.16 10.88 -3.86
C GLN A 190 21.59 10.96 -2.40
N TYR A 191 21.10 11.96 -1.69
CA TYR A 191 21.40 12.13 -0.27
C TYR A 191 21.03 10.94 0.59
N LEU A 192 19.93 10.28 0.27
CA LEU A 192 19.54 9.09 1.06
C LEU A 192 20.46 7.93 0.74
N LYS A 193 20.86 7.80 -0.53
CA LYS A 193 21.81 6.75 -0.91
C LYS A 193 23.19 6.99 -0.36
N GLU A 194 23.56 8.26 -0.20
CA GLU A 194 24.87 8.62 0.30
C GLU A 194 24.91 8.75 1.82
N ARG A 195 23.81 8.48 2.53
CA ARG A 195 23.73 8.67 3.95
C ARG A 195 24.65 7.73 4.72
N ASP A 196 24.85 8.09 5.98
CA ASP A 196 25.42 7.21 6.97
C ASP A 196 24.28 6.29 7.45
N GLN A 197 24.30 5.07 6.95
CA GLN A 197 23.19 4.11 7.18
C GLN A 197 22.93 3.73 8.65
N SER A 198 23.94 3.93 9.48
CA SER A 198 23.86 3.57 10.89
C SER A 198 23.22 4.61 11.79
N ARG A 199 22.95 5.85 11.30
CA ARG A 199 22.28 6.98 12.07
C ARG A 199 20.94 7.42 11.40
N PRO A 200 20.02 7.98 12.15
CA PRO A 200 18.74 8.35 11.51
C PRO A 200 18.79 9.66 10.70
N PHE A 201 17.85 9.80 9.76
CA PHE A 201 17.73 11.00 8.92
C PHE A 201 16.43 11.81 9.23
N PHE A 202 16.49 13.12 8.96
CA PHE A 202 15.33 14.02 8.85
C PHE A 202 15.40 14.48 7.39
N ALA A 203 14.46 13.96 6.58
CA ALA A 203 14.39 14.24 5.14
C ALA A 203 13.19 15.15 4.90
N TYR A 204 13.48 16.31 4.32
CA TYR A 204 12.50 17.36 4.09
C TYR A 204 12.37 17.40 2.59
N LEU A 205 11.15 17.24 2.09
CA LEU A 205 10.88 17.18 0.64
C LEU A 205 9.77 18.14 0.29
N PRO A 206 10.08 19.47 0.29
CA PRO A 206 9.06 20.47 -0.06
C PRO A 206 9.02 20.67 -1.60
N PHE A 207 8.08 20.02 -2.28
CA PHE A 207 7.95 20.22 -3.70
C PHE A 207 7.49 21.67 -4.04
N SER A 208 7.75 22.12 -5.24
CA SER A 208 7.14 23.33 -5.71
C SER A 208 5.92 23.03 -6.58
N ALA A 209 5.71 21.75 -6.93
CA ALA A 209 4.47 21.28 -7.61
C ALA A 209 3.35 21.16 -6.59
N PRO A 210 2.09 21.46 -6.92
CA PRO A 210 1.58 21.86 -8.23
C PRO A 210 1.37 23.41 -8.36
N HIS A 211 2.35 24.19 -7.97
CA HIS A 211 2.22 25.66 -7.93
C HIS A 211 2.46 26.16 -9.33
N TRP A 212 1.78 27.26 -9.66
CA TRP A 212 1.92 27.89 -10.97
C TRP A 212 3.38 28.34 -11.14
N PRO A 213 3.82 28.56 -12.36
CA PRO A 213 3.14 28.17 -13.61
C PRO A 213 2.96 26.64 -13.78
N LEU A 214 1.80 26.25 -14.35
CA LEU A 214 1.42 24.84 -14.41
C LEU A 214 2.15 24.20 -15.58
N GLN A 215 3.04 23.26 -15.22
CA GLN A 215 4.01 22.70 -16.19
C GLN A 215 4.37 21.31 -15.75
N ALA A 216 4.43 20.40 -16.70
CA ALA A 216 4.63 18.97 -16.45
C ALA A 216 4.97 18.25 -17.75
N PRO A 217 5.65 17.10 -17.63
CA PRO A 217 5.99 16.32 -18.81
C PRO A 217 4.82 15.96 -19.73
N ARG A 218 4.98 16.16 -21.02
CA ARG A 218 3.93 15.90 -21.96
C ARG A 218 3.31 14.49 -21.82
N GLU A 219 4.17 13.48 -21.62
CA GLU A 219 3.69 12.08 -21.58
C GLU A 219 2.68 11.83 -20.46
N ILE A 220 2.79 12.60 -19.39
CA ILE A 220 1.90 12.49 -18.25
C ILE A 220 0.68 13.37 -18.48
N VAL A 221 0.89 14.55 -19.05
CA VAL A 221 -0.27 15.39 -19.38
C VAL A 221 -1.27 14.66 -20.31
N GLU A 222 -0.71 13.89 -21.24
CA GLU A 222 -1.46 13.17 -22.27
C GLU A 222 -2.39 12.19 -21.64
N LYS A 223 -2.07 11.67 -20.46
CA LYS A 223 -2.93 10.67 -19.79
C LYS A 223 -4.25 11.27 -19.25
N TYR A 224 -4.31 12.59 -19.11
CA TYR A 224 -5.54 13.24 -18.64
C TYR A 224 -6.34 13.87 -19.76
N ARG A 225 -5.95 13.61 -21.03
CA ARG A 225 -6.62 14.23 -22.16
C ARG A 225 -8.11 13.96 -22.08
N GLY A 226 -8.88 15.02 -22.03
CA GLY A 226 -10.33 14.93 -22.05
C GLY A 226 -10.97 14.71 -20.70
N ARG A 227 -10.16 14.45 -19.68
CA ARG A 227 -10.67 14.13 -18.36
C ARG A 227 -11.43 15.28 -17.72
N TYR A 228 -11.10 16.51 -18.05
CA TYR A 228 -11.70 17.67 -17.42
C TYR A 228 -12.62 18.48 -18.33
N ASP A 229 -13.08 17.90 -19.45
CA ASP A 229 -13.89 18.61 -20.44
C ASP A 229 -15.26 19.06 -19.90
N ALA A 230 -15.79 18.39 -18.87
CA ALA A 230 -17.02 18.85 -18.20
C ALA A 230 -16.84 20.04 -17.23
N GLY A 231 -15.61 20.43 -16.91
CA GLY A 231 -15.42 21.69 -16.17
C GLY A 231 -15.33 21.58 -14.66
N PRO A 232 -15.12 22.70 -13.97
CA PRO A 232 -14.79 22.69 -12.55
C PRO A 232 -16.00 22.44 -11.63
N GLU A 233 -17.21 22.81 -12.07
CA GLU A 233 -18.41 22.55 -11.28
C GLU A 233 -18.78 21.03 -11.37
N ALA A 234 -18.74 20.48 -12.55
CA ALA A 234 -18.91 19.05 -12.72
C ALA A 234 -17.85 18.31 -11.91
N LEU A 235 -16.61 18.78 -11.97
CA LEU A 235 -15.58 18.22 -11.09
C LEU A 235 -15.89 18.35 -9.62
N ARG A 236 -16.27 19.53 -9.17
CA ARG A 236 -16.56 19.71 -7.76
C ARG A 236 -17.64 18.76 -7.28
N GLN A 237 -18.69 18.59 -8.08
CA GLN A 237 -19.75 17.63 -7.71
C GLN A 237 -19.23 16.15 -7.53
N GLU A 238 -18.30 15.80 -8.39
CA GLU A 238 -17.62 14.48 -8.33
C GLU A 238 -16.82 14.35 -7.05
N ARG A 239 -16.07 15.39 -6.73
CA ARG A 239 -15.20 15.39 -5.58
C ARG A 239 -16.05 15.31 -4.32
N LEU A 240 -17.13 16.09 -4.27
CA LEU A 240 -18.02 16.05 -3.10
C LEU A 240 -18.62 14.64 -2.88
N ALA A 241 -19.15 14.07 -3.92
CA ALA A 241 -19.72 12.70 -3.84
C ALA A 241 -18.72 11.69 -3.37
N ARG A 242 -17.50 11.79 -3.84
CA ARG A 242 -16.45 10.86 -3.42
C ARG A 242 -15.97 11.13 -1.98
N LEU A 243 -15.84 12.42 -1.61
CA LEU A 243 -15.52 12.78 -0.23
C LEU A 243 -16.52 12.21 0.76
N LYS A 244 -17.80 12.23 0.41
CA LYS A 244 -18.85 11.59 1.23
C LYS A 244 -18.77 10.07 1.28
N GLU A 245 -18.64 9.44 0.13
CA GLU A 245 -18.53 7.99 -0.01
C GLU A 245 -17.34 7.45 0.80
N LEU A 246 -16.18 8.13 0.74
CA LEU A 246 -14.99 7.71 1.49
C LEU A 246 -15.06 8.01 3.01
N GLY A 247 -16.06 8.80 3.45
CA GLY A 247 -16.19 9.16 4.84
C GLY A 247 -15.34 10.35 5.27
N LEU A 248 -14.74 11.09 4.34
CA LEU A 248 -13.93 12.24 4.73
C LEU A 248 -14.77 13.45 5.11
N VAL A 249 -15.96 13.57 4.54
CA VAL A 249 -16.92 14.63 4.89
C VAL A 249 -18.26 13.95 5.19
N GLU A 250 -19.00 14.49 6.14
CA GLU A 250 -20.27 13.85 6.57
C GLU A 250 -21.33 13.95 5.44
N ALA A 251 -22.17 12.93 5.28
CA ALA A 251 -23.15 12.89 4.18
C ALA A 251 -24.06 14.15 4.11
N ASP A 252 -24.38 14.77 5.24
CA ASP A 252 -25.27 15.96 5.25
C ASP A 252 -24.54 17.33 5.15
N VAL A 253 -23.24 17.39 4.90
CA VAL A 253 -22.55 18.68 4.90
C VAL A 253 -22.99 19.51 3.69
N GLU A 254 -23.15 20.81 3.90
CA GLU A 254 -23.59 21.79 2.90
C GLU A 254 -22.35 22.52 2.46
N ALA A 255 -22.01 22.46 1.17
CA ALA A 255 -20.73 23.01 0.70
C ALA A 255 -20.93 24.48 0.59
N HIS A 256 -19.87 25.26 0.82
CA HIS A 256 -20.02 26.68 0.57
C HIS A 256 -20.21 26.91 -0.96
N PRO A 257 -21.09 27.87 -1.37
CA PRO A 257 -21.19 28.29 -2.79
C PRO A 257 -19.86 28.78 -3.41
N VAL A 258 -19.69 28.57 -4.71
CA VAL A 258 -18.47 28.92 -5.39
C VAL A 258 -18.57 30.40 -5.71
N LEU A 259 -17.55 31.19 -5.37
CA LEU A 259 -17.54 32.63 -5.56
C LEU A 259 -16.34 32.94 -6.44
N ALA A 260 -16.60 33.43 -7.63
CA ALA A 260 -15.53 33.79 -8.56
C ALA A 260 -16.04 34.89 -9.43
N LEU A 261 -15.12 35.74 -9.88
CA LEU A 261 -15.41 36.83 -10.79
C LEU A 261 -15.18 36.50 -12.27
N THR A 262 -14.55 35.37 -12.53
CA THR A 262 -14.45 34.83 -13.86
C THR A 262 -15.80 34.24 -14.35
N ARG A 263 -15.85 33.98 -15.66
CA ARG A 263 -17.03 33.39 -16.25
C ARG A 263 -17.09 31.94 -15.86
N GLU A 264 -18.29 31.49 -15.59
CA GLU A 264 -18.54 30.07 -15.38
C GLU A 264 -18.34 29.27 -16.68
N TRP A 265 -18.22 27.95 -16.52
CA TRP A 265 -17.72 27.09 -17.59
C TRP A 265 -18.62 27.23 -18.84
N GLU A 266 -19.93 27.24 -18.59
CA GLU A 266 -20.92 27.23 -19.69
C GLU A 266 -21.00 28.58 -20.42
N ALA A 267 -20.45 29.63 -19.81
CA ALA A 267 -20.35 30.94 -20.46
C ALA A 267 -19.08 31.13 -21.35
N LEU A 268 -18.18 30.16 -21.38
CA LEU A 268 -16.94 30.31 -22.09
C LEU A 268 -17.07 29.82 -23.50
N GLU A 269 -16.45 30.59 -24.41
CA GLU A 269 -16.24 30.13 -25.81
C GLU A 269 -15.45 28.82 -25.83
N ASP A 270 -15.58 28.05 -26.90
CA ASP A 270 -14.95 26.72 -26.99
C ASP A 270 -13.40 26.73 -26.84
N GLU A 271 -12.75 27.78 -27.32
CA GLU A 271 -11.28 27.88 -27.27
C GLU A 271 -10.81 28.17 -25.84
N GLU A 272 -11.57 28.98 -25.10
CA GLU A 272 -11.26 29.28 -23.71
C GLU A 272 -11.45 28.09 -22.84
N ARG A 273 -12.52 27.34 -23.10
CA ARG A 273 -12.74 26.11 -22.35
C ARG A 273 -11.63 25.09 -22.58
N ALA A 274 -11.29 24.87 -23.84
CA ALA A 274 -10.25 23.90 -24.17
C ALA A 274 -8.94 24.20 -23.44
N LYS A 275 -8.60 25.48 -23.36
CA LYS A 275 -7.39 25.90 -22.70
C LYS A 275 -7.44 25.84 -21.19
N SER A 276 -8.59 26.16 -20.60
CA SER A 276 -8.77 26.01 -19.18
C SER A 276 -8.77 24.50 -18.88
N ALA A 277 -9.45 23.66 -19.66
CA ALA A 277 -9.38 22.20 -19.37
C ALA A 277 -7.94 21.70 -19.46
N ARG A 278 -7.20 22.18 -20.47
CA ARG A 278 -5.78 21.79 -20.63
C ARG A 278 -4.95 22.18 -19.37
N ALA A 279 -5.21 23.34 -18.77
CA ALA A 279 -4.50 23.69 -17.55
C ALA A 279 -4.76 22.77 -16.39
N MET A 280 -6.03 22.32 -16.23
CA MET A 280 -6.35 21.36 -15.21
C MET A 280 -5.73 20.00 -15.49
N GLU A 281 -5.70 19.55 -16.73
CA GLU A 281 -4.95 18.34 -17.12
C GLU A 281 -3.45 18.43 -16.73
N VAL A 282 -2.86 19.61 -16.97
CA VAL A 282 -1.47 19.85 -16.66
C VAL A 282 -1.30 19.80 -15.14
N TYR A 283 -2.18 20.47 -14.44
CA TYR A 283 -2.19 20.42 -12.99
C TYR A 283 -2.22 18.96 -12.45
N ALA A 284 -3.14 18.16 -12.99
CA ALA A 284 -3.27 16.78 -12.65
C ALA A 284 -1.94 16.05 -12.90
N ALA A 285 -1.31 16.32 -14.05
CA ALA A 285 0.01 15.70 -14.38
C ALA A 285 1.14 16.06 -13.39
N MET A 286 1.13 17.32 -12.92
CA MET A 286 2.07 17.77 -11.94
C MET A 286 1.92 17.00 -10.67
N VAL A 287 0.68 16.86 -10.23
CA VAL A 287 0.40 16.08 -9.04
C VAL A 287 0.78 14.61 -9.27
N GLU A 288 0.49 14.03 -10.40
CA GLU A 288 0.90 12.60 -10.63
C GLU A 288 2.46 12.46 -10.61
N ARG A 289 3.14 13.44 -11.15
CA ARG A 289 4.61 13.38 -11.29
C ARG A 289 5.28 13.59 -9.93
N MET A 290 4.73 14.50 -9.11
CA MET A 290 5.09 14.62 -7.75
C MET A 290 4.97 13.28 -7.04
N ASP A 291 3.82 12.66 -7.11
CA ASP A 291 3.58 11.39 -6.46
C ASP A 291 4.52 10.29 -6.93
N TRP A 292 4.83 10.27 -8.23
CA TRP A 292 5.87 9.40 -8.78
C TRP A 292 7.25 9.59 -8.15
N ASN A 293 7.63 10.87 -7.95
CA ASN A 293 8.86 11.17 -7.26
C ASN A 293 8.89 10.81 -5.82
N ILE A 294 7.76 11.01 -5.16
CA ILE A 294 7.61 10.53 -3.81
C ILE A 294 7.76 9.02 -3.80
N GLY A 295 7.20 8.34 -4.77
CA GLY A 295 7.31 6.88 -4.82
C GLY A 295 8.73 6.35 -5.05
N ARG A 296 9.55 7.06 -5.81
CA ARG A 296 10.96 6.70 -5.94
C ARG A 296 11.63 6.79 -4.59
N VAL A 297 11.33 7.85 -3.81
CA VAL A 297 11.94 8.04 -2.48
C VAL A 297 11.50 6.97 -1.52
N VAL A 298 10.20 6.75 -1.49
CA VAL A 298 9.62 5.81 -0.56
C VAL A 298 10.05 4.34 -0.91
N ASP A 299 10.15 4.03 -2.20
CA ASP A 299 10.51 2.71 -2.70
C ASP A 299 11.93 2.37 -2.24
N TYR A 300 12.80 3.37 -2.25
CA TYR A 300 14.19 3.19 -1.82
C TYR A 300 14.24 2.92 -0.32
N LEU A 301 13.52 3.71 0.46
CA LEU A 301 13.45 3.51 1.92
C LEU A 301 12.91 2.09 2.30
N ARG A 302 11.91 1.66 1.57
CA ARG A 302 11.27 0.37 1.75
C ARG A 302 12.24 -0.77 1.46
N ARG A 303 12.95 -0.67 0.34
CA ARG A 303 13.98 -1.63 -0.03
C ARG A 303 15.14 -1.67 0.95
N GLN A 304 15.45 -0.54 1.58
CA GLN A 304 16.47 -0.47 2.65
C GLN A 304 15.99 -0.99 3.98
N GLY A 305 14.72 -1.33 4.10
CA GLY A 305 14.19 -1.78 5.37
C GLY A 305 13.98 -0.66 6.38
N GLU A 306 13.92 0.60 5.93
CA GLU A 306 13.77 1.77 6.80
C GLU A 306 12.35 2.35 6.88
N LEU A 307 11.44 2.05 5.95
CA LEU A 307 10.16 2.80 5.92
C LEU A 307 9.32 2.66 7.20
N ASP A 308 9.21 1.45 7.72
CA ASP A 308 8.40 1.24 8.90
C ASP A 308 8.95 1.96 10.17
N ASN A 309 10.24 2.27 10.15
CA ASN A 309 10.91 3.00 11.19
C ASN A 309 11.15 4.51 10.76
N THR A 310 10.37 4.94 9.75
CA THR A 310 10.32 6.34 9.30
C THR A 310 8.89 6.91 9.59
N PHE A 311 8.81 7.98 10.39
CA PHE A 311 7.55 8.72 10.57
C PHE A 311 7.40 9.62 9.33
N VAL A 312 6.34 9.33 8.57
CA VAL A 312 6.12 9.96 7.25
C VAL A 312 4.96 10.92 7.44
N LEU A 313 5.23 12.20 7.25
CA LEU A 313 4.17 13.24 7.22
C LEU A 313 4.09 13.81 5.84
N PHE A 314 2.89 13.86 5.31
CA PHE A 314 2.61 14.54 4.06
C PHE A 314 1.53 15.56 4.32
N MET A 315 1.72 16.76 3.76
CA MET A 315 0.72 17.83 3.84
C MET A 315 0.82 18.76 2.63
N SER A 316 -0.24 19.49 2.33
CA SER A 316 -0.08 20.67 1.53
C SER A 316 0.19 21.79 2.48
N ASP A 317 0.81 22.85 1.98
CA ASP A 317 1.14 24.02 2.73
C ASP A 317 0.04 25.13 2.89
N ASN A 318 -1.09 25.00 2.19
CA ASN A 318 -2.18 25.99 2.21
C ASN A 318 -3.24 25.49 1.28
N GLY A 319 -4.34 26.23 1.17
CA GLY A 319 -5.46 25.82 0.33
C GLY A 319 -5.11 25.82 -1.13
N ALA A 320 -5.92 25.15 -1.94
CA ALA A 320 -5.76 25.28 -3.37
C ALA A 320 -5.72 26.77 -3.85
N GLU A 321 -4.94 27.03 -4.92
CA GLU A 321 -4.63 28.37 -5.39
C GLU A 321 -5.68 28.90 -6.37
N GLY A 322 -6.61 29.71 -5.90
CA GLY A 322 -7.62 30.27 -6.79
C GLY A 322 -7.28 31.63 -7.35
N ALA A 323 -6.07 32.15 -7.04
CA ALA A 323 -5.65 33.48 -7.46
C ALA A 323 -5.73 33.66 -8.97
N LEU A 324 -6.09 34.89 -9.34
CA LEU A 324 -6.00 35.40 -10.68
C LEU A 324 -4.81 36.36 -10.59
N LEU A 325 -3.71 35.93 -11.19
CA LEU A 325 -2.45 36.68 -11.09
C LEU A 325 -2.55 38.05 -11.77
N GLU A 326 -3.33 38.12 -12.86
CA GLU A 326 -3.66 39.37 -13.55
C GLU A 326 -4.51 40.40 -12.78
N ALA A 327 -5.21 39.97 -11.74
CA ALA A 327 -6.19 40.78 -11.01
C ALA A 327 -5.60 41.74 -9.99
N PHE A 328 -4.45 41.39 -9.41
CA PHE A 328 -3.86 42.19 -8.34
C PHE A 328 -3.18 43.41 -8.92
N PRO A 329 -3.61 44.64 -8.55
CA PRO A 329 -2.82 45.81 -8.98
C PRO A 329 -1.43 45.81 -8.27
N LYS A 330 -0.63 44.79 -8.58
CA LYS A 330 0.80 44.78 -8.28
C LYS A 330 1.28 45.97 -9.06
N PHE A 331 1.91 46.94 -8.42
CA PHE A 331 2.37 48.10 -9.18
C PHE A 331 3.39 47.59 -10.21
N GLY A 332 3.64 48.40 -11.23
CA GLY A 332 4.56 48.03 -12.29
C GLY A 332 3.98 47.35 -13.53
N PRO A 333 4.84 46.75 -14.37
CA PRO A 333 4.41 46.37 -15.70
C PRO A 333 3.30 45.29 -15.70
N ASP A 334 2.43 45.37 -16.71
CA ASP A 334 1.28 44.52 -16.95
C ASP A 334 1.66 43.07 -17.27
N LEU A 335 1.15 42.16 -16.45
CA LEU A 335 1.51 40.76 -16.55
C LEU A 335 1.07 40.12 -17.86
N LEU A 336 -0.20 40.26 -18.20
CA LEU A 336 -0.74 39.57 -19.35
C LEU A 336 -0.08 39.99 -20.63
N ASP A 337 0.16 41.28 -20.73
CA ASP A 337 0.81 41.82 -21.90
C ASP A 337 2.23 41.26 -21.99
N PHE A 338 2.92 41.18 -20.85
CA PHE A 338 4.25 40.60 -20.86
C PHE A 338 4.23 39.11 -21.29
N LEU A 339 3.29 38.34 -20.75
CA LEU A 339 3.19 36.93 -21.01
C LEU A 339 2.83 36.72 -22.45
N ASP A 340 2.01 37.61 -22.97
CA ASP A 340 1.67 37.57 -24.36
C ASP A 340 2.90 37.73 -25.29
N ARG A 341 3.84 38.57 -24.89
CA ARG A 341 5.02 38.78 -25.71
C ARG A 341 6.14 37.71 -25.50
N HIS A 342 6.17 37.03 -24.34
CA HIS A 342 7.33 36.21 -23.96
C HIS A 342 7.07 34.72 -23.75
N TYR A 343 5.77 34.35 -23.75
CA TYR A 343 5.34 32.97 -23.54
C TYR A 343 4.32 32.60 -24.59
N ASP A 344 4.04 31.29 -24.68
CA ASP A 344 3.12 30.75 -25.65
C ASP A 344 2.08 29.91 -24.89
N ASN A 345 0.92 30.50 -24.72
CA ASN A 345 -0.19 29.87 -24.01
C ASN A 345 -1.31 29.38 -24.91
N SER A 346 -1.01 29.18 -26.18
CA SER A 346 -1.87 28.49 -27.07
C SER A 346 -2.06 27.09 -26.53
N LEU A 347 -3.16 26.48 -26.92
CA LEU A 347 -3.61 25.22 -26.40
C LEU A 347 -2.52 24.17 -26.45
N GLU A 348 -1.92 23.97 -27.59
CA GLU A 348 -0.94 22.86 -27.76
C GLU A 348 0.34 23.09 -26.94
N ASN A 349 0.64 24.35 -26.59
CA ASN A 349 1.79 24.64 -25.79
C ASN A 349 1.63 24.58 -24.25
N ILE A 350 0.39 24.68 -23.74
CA ILE A 350 0.18 24.75 -22.32
C ILE A 350 0.76 23.57 -21.62
N GLY A 351 1.56 23.84 -20.58
CA GLY A 351 2.24 22.80 -19.83
C GLY A 351 3.76 22.72 -20.10
N SER A 352 4.21 23.21 -21.27
CA SER A 352 5.65 23.38 -21.54
C SER A 352 6.31 24.51 -20.77
N ALA A 353 7.66 24.47 -20.80
CA ALA A 353 8.54 25.46 -20.19
C ALA A 353 8.21 26.90 -20.57
N ASN A 354 7.82 27.14 -21.81
CA ASN A 354 7.57 28.56 -22.26
C ASN A 354 6.06 28.90 -22.32
N SER A 355 5.25 28.17 -21.51
CA SER A 355 3.86 28.58 -21.16
C SER A 355 3.87 29.08 -19.71
N TYR A 356 2.91 29.91 -19.36
CA TYR A 356 2.81 30.33 -17.99
C TYR A 356 1.30 30.44 -17.69
N VAL A 357 0.74 29.40 -17.10
CA VAL A 357 -0.70 29.43 -16.78
C VAL A 357 -0.92 29.15 -15.33
N TRP A 358 -2.08 29.63 -14.86
CA TRP A 358 -2.62 29.27 -13.56
C TRP A 358 -4.07 28.85 -13.78
N TYR A 359 -4.62 28.05 -12.91
CA TYR A 359 -5.94 27.52 -13.27
C TYR A 359 -7.16 28.33 -12.72
N GLY A 360 -6.94 29.27 -11.80
CA GLY A 360 -7.98 30.26 -11.40
C GLY A 360 -9.00 29.68 -10.40
N PRO A 361 -9.98 30.50 -10.02
CA PRO A 361 -10.71 30.25 -8.79
C PRO A 361 -11.69 29.14 -8.80
N ARG A 362 -12.16 28.74 -9.96
CA ARG A 362 -13.27 27.79 -9.96
C ARG A 362 -12.65 26.38 -9.91
N TRP A 363 -11.55 26.14 -10.63
CA TRP A 363 -10.86 24.85 -10.50
C TRP A 363 -10.40 24.68 -9.04
N ALA A 364 -9.96 25.77 -8.41
CA ALA A 364 -9.44 25.72 -7.01
C ALA A 364 -10.55 25.39 -6.06
N GLN A 365 -11.73 26.03 -6.25
CA GLN A 365 -12.86 25.73 -5.40
C GLN A 365 -13.37 24.32 -5.60
N ALA A 366 -13.09 23.68 -6.69
CA ALA A 366 -13.56 22.29 -6.82
C ALA A 366 -12.85 21.39 -5.82
N ALA A 367 -11.57 21.72 -5.54
CA ALA A 367 -10.71 20.97 -4.64
C ALA A 367 -10.74 21.39 -3.19
N THR A 368 -11.10 22.63 -2.87
CA THR A 368 -11.30 22.99 -1.48
C THR A 368 -12.68 22.58 -0.94
N ALA A 369 -13.62 22.24 -1.81
CA ALA A 369 -15.01 21.99 -1.31
C ALA A 369 -15.05 20.80 -0.37
N PRO A 370 -15.90 20.85 0.67
CA PRO A 370 -17.00 21.82 0.86
C PRO A 370 -16.62 23.15 1.55
N SER A 371 -15.34 23.36 1.75
CA SER A 371 -14.87 24.58 2.44
C SER A 371 -15.05 25.85 1.65
N ARG A 372 -15.15 26.95 2.38
CA ARG A 372 -15.29 28.29 1.85
C ARG A 372 -13.98 28.87 1.35
N LEU A 373 -13.97 29.19 0.06
CA LEU A 373 -12.86 29.83 -0.66
C LEU A 373 -11.56 28.99 -0.74
N TYR A 374 -10.39 29.59 -0.62
CA TYR A 374 -9.15 29.01 -1.09
C TYR A 374 -7.94 29.80 -0.54
N LYS A 375 -6.74 29.42 -0.99
CA LYS A 375 -5.48 30.03 -0.54
C LYS A 375 -5.56 31.54 -0.39
N ALA A 376 -4.91 32.04 0.65
CA ALA A 376 -4.78 33.44 1.00
C ALA A 376 -6.02 33.96 1.71
N PHE A 377 -7.02 33.11 1.98
CA PHE A 377 -8.12 33.48 2.90
C PHE A 377 -8.01 32.71 4.20
N THR A 378 -8.55 33.29 5.27
CA THR A 378 -8.52 32.65 6.58
C THR A 378 -9.73 31.79 6.84
N THR A 379 -10.61 31.64 5.84
CA THR A 379 -11.65 30.68 5.92
C THR A 379 -11.01 29.28 5.76
N GLN A 380 -11.80 28.25 5.97
CA GLN A 380 -11.32 26.88 5.98
C GLN A 380 -10.73 26.44 4.67
N GLY A 381 -11.17 27.02 3.55
CA GLY A 381 -10.60 26.74 2.27
C GLY A 381 -9.16 27.04 2.09
N GLY A 382 -8.72 28.10 2.74
CA GLY A 382 -7.37 28.52 2.64
C GLY A 382 -6.49 27.93 3.69
N ILE A 383 -7.06 27.51 4.80
CA ILE A 383 -6.24 26.98 5.92
C ILE A 383 -6.40 25.47 6.23
N ARG A 384 -7.49 24.81 5.81
CA ARG A 384 -7.65 23.38 6.11
C ARG A 384 -7.01 22.64 4.95
N VAL A 385 -5.97 21.86 5.24
CA VAL A 385 -5.26 21.21 4.16
C VAL A 385 -5.24 19.69 4.37
N PRO A 386 -5.08 18.91 3.29
CA PRO A 386 -4.91 17.47 3.52
C PRO A 386 -3.58 17.14 4.15
N ALA A 387 -3.60 16.12 5.01
CA ALA A 387 -2.45 15.71 5.75
C ALA A 387 -2.59 14.23 6.04
N LEU A 388 -1.49 13.53 6.01
CA LEU A 388 -1.48 12.13 6.48
C LEU A 388 -0.20 11.88 7.31
N VAL A 389 -0.34 11.06 8.32
CA VAL A 389 0.76 10.57 9.09
C VAL A 389 0.88 9.05 8.92
N ARG A 390 2.01 8.58 8.39
CA ARG A 390 2.22 7.12 8.29
C ARG A 390 3.42 6.73 9.14
N TYR A 391 3.14 6.04 10.24
CA TYR A 391 4.17 5.49 11.13
C TYR A 391 3.60 4.29 11.92
N PRO A 392 4.01 3.07 11.57
CA PRO A 392 3.26 1.94 12.10
C PRO A 392 3.33 1.68 13.57
N ARG A 393 4.27 2.30 14.26
CA ARG A 393 4.34 2.15 15.72
C ARG A 393 3.22 2.84 16.48
N LEU A 394 2.54 3.79 15.86
CA LEU A 394 1.47 4.51 16.52
C LEU A 394 0.23 3.65 16.50
N SER A 395 -0.63 3.89 17.47
CA SER A 395 -1.83 3.12 17.60
C SER A 395 -2.86 3.57 16.56
N ARG A 396 -3.02 4.89 16.37
CA ARG A 396 -4.02 5.42 15.41
C ARG A 396 -3.49 5.43 13.98
N GLN A 397 -3.67 4.30 13.28
CA GLN A 397 -3.36 4.13 11.84
C GLN A 397 -4.52 3.41 11.17
N GLY A 398 -4.70 3.69 9.90
CA GLY A 398 -5.72 3.05 9.04
C GLY A 398 -7.09 3.72 9.08
N ALA A 399 -7.15 4.91 9.65
CA ALA A 399 -8.42 5.62 9.88
C ALA A 399 -8.37 7.09 9.43
N ILE A 400 -9.56 7.68 9.41
CA ILE A 400 -9.76 9.06 9.09
C ILE A 400 -10.03 9.73 10.41
N SER A 401 -9.26 10.74 10.78
CA SER A 401 -9.55 11.49 12.00
C SER A 401 -9.91 12.95 11.73
N HIS A 402 -10.95 13.40 12.44
CA HIS A 402 -11.41 14.78 12.41
C HIS A 402 -10.98 15.59 13.65
N ALA A 403 -10.01 15.09 14.42
CA ALA A 403 -9.44 15.83 15.55
C ALA A 403 -8.70 17.05 15.04
N PHE A 404 -8.88 18.20 15.70
CA PHE A 404 -8.18 19.47 15.31
C PHE A 404 -6.70 19.39 15.53
N ALA A 405 -5.94 19.93 14.58
CA ALA A 405 -4.50 19.89 14.64
C ALA A 405 -3.96 21.03 13.80
N THR A 406 -2.79 21.52 14.15
CA THR A 406 -2.14 22.44 13.28
C THR A 406 -0.71 22.11 12.94
N VAL A 407 -0.26 22.75 11.88
CA VAL A 407 1.11 22.76 11.48
C VAL A 407 2.13 23.07 12.60
N MET A 408 1.72 23.78 13.63
CA MET A 408 2.56 24.10 14.80
C MET A 408 2.84 22.90 15.71
N ASP A 409 2.02 21.85 15.53
CA ASP A 409 2.17 20.60 16.25
C ASP A 409 3.36 19.76 15.78
N VAL A 410 3.93 20.05 14.62
CA VAL A 410 4.75 19.07 13.97
C VAL A 410 6.16 19.07 14.60
N THR A 411 6.74 20.24 14.79
CA THR A 411 8.03 20.37 15.42
C THR A 411 8.07 19.66 16.83
N PRO A 412 7.10 19.92 17.72
CA PRO A 412 7.01 19.28 19.03
C PRO A 412 6.81 17.78 18.98
N THR A 413 6.05 17.32 18.00
CA THR A 413 5.78 15.90 17.82
C THR A 413 7.05 15.18 17.48
N LEU A 414 7.83 15.78 16.59
CA LEU A 414 9.03 15.19 16.05
C LEU A 414 10.19 15.23 17.03
N LEU A 415 10.33 16.35 17.73
CA LEU A 415 11.24 16.41 18.88
C LEU A 415 10.92 15.29 19.85
N ASP A 416 9.65 15.20 20.27
CA ASP A 416 9.16 14.14 21.15
C ASP A 416 9.59 12.75 20.67
N LEU A 417 9.37 12.44 19.39
CA LEU A 417 9.80 11.15 18.82
C LEU A 417 11.30 10.94 18.72
N ALA A 418 12.04 12.01 18.45
CA ALA A 418 13.47 11.95 18.43
C ALA A 418 14.08 11.89 19.87
N GLY A 419 13.28 12.06 20.91
CA GLY A 419 13.77 12.12 22.29
C GLY A 419 14.65 13.33 22.53
N VAL A 420 14.28 14.47 21.98
CA VAL A 420 15.06 15.71 22.06
C VAL A 420 14.18 16.72 22.77
N ARG A 421 14.65 17.29 23.88
CA ARG A 421 13.86 18.32 24.60
C ARG A 421 14.08 19.64 23.84
N HIS A 422 12.99 20.41 23.70
CA HIS A 422 13.07 21.77 23.16
C HIS A 422 13.89 22.57 24.16
N PRO A 423 14.88 23.35 23.69
CA PRO A 423 15.78 23.99 24.63
C PRO A 423 15.17 25.13 25.49
N GLY A 424 13.86 25.34 25.42
CA GLY A 424 13.22 26.44 26.12
C GLY A 424 13.61 27.77 25.55
N LYS A 425 13.81 28.75 26.45
CA LYS A 425 13.87 30.18 26.12
C LYS A 425 15.21 30.71 25.69
N ARG A 426 16.23 29.86 25.64
CA ARG A 426 17.59 30.24 25.22
C ARG A 426 18.13 29.26 24.23
N TRP A 427 18.94 29.70 23.29
CA TRP A 427 19.66 28.80 22.40
C TRP A 427 20.80 29.50 21.66
N ARG A 428 21.98 28.88 21.66
CA ARG A 428 23.18 29.50 21.10
C ARG A 428 23.37 30.95 21.60
N GLY A 429 23.11 31.15 22.90
CA GLY A 429 23.26 32.46 23.56
C GLY A 429 22.33 33.59 23.15
N ARG A 430 21.01 33.31 23.15
CA ARG A 430 20.02 34.15 22.49
C ARG A 430 18.66 33.81 23.02
N GLU A 431 17.83 34.81 23.34
CA GLU A 431 16.46 34.55 23.79
C GLU A 431 15.61 34.09 22.57
N ILE A 432 14.78 33.07 22.78
CA ILE A 432 13.97 32.49 21.69
C ILE A 432 12.55 32.14 22.13
N ALA A 433 11.65 32.08 21.14
CA ALA A 433 10.31 31.64 21.33
C ALA A 433 10.30 30.13 21.57
N GLU A 434 9.34 29.74 22.38
CA GLU A 434 8.98 28.35 22.60
C GLU A 434 7.76 28.01 21.74
N PRO A 435 7.59 26.71 21.39
CA PRO A 435 6.44 26.29 20.58
C PRO A 435 5.07 26.63 21.15
N ARG A 436 4.16 27.12 20.31
CA ARG A 436 2.72 27.19 20.63
C ARG A 436 1.94 25.91 20.34
N GLY A 437 2.46 25.03 19.49
CA GLY A 437 1.77 23.76 19.21
C GLY A 437 1.89 22.77 20.35
N ARG A 438 1.35 21.57 20.17
CA ARG A 438 1.44 20.48 21.12
C ARG A 438 1.84 19.13 20.42
N SER A 439 2.64 18.33 21.09
CA SER A 439 2.99 16.99 20.60
C SER A 439 1.77 16.13 20.34
N TRP A 440 1.74 15.53 19.16
CA TRP A 440 0.69 14.56 18.79
C TRP A 440 0.80 13.19 19.43
N LEU A 441 1.88 12.94 20.19
CA LEU A 441 2.25 11.57 20.54
C LEU A 441 1.23 10.90 21.45
N GLY A 442 0.61 11.69 22.33
CA GLY A 442 -0.44 11.19 23.23
C GLY A 442 -1.63 10.66 22.44
N TRP A 443 -2.11 11.53 21.58
CA TRP A 443 -3.21 11.23 20.64
C TRP A 443 -2.95 10.07 19.71
N LEU A 444 -1.82 10.09 19.04
CA LEU A 444 -1.47 9.05 18.06
C LEU A 444 -1.07 7.69 18.64
N SER A 445 -0.56 7.71 19.87
CA SER A 445 -0.31 6.50 20.63
C SER A 445 -1.61 5.95 21.25
N GLY A 446 -2.74 6.65 21.11
CA GLY A 446 -4.02 6.17 21.61
C GLY A 446 -4.32 6.49 23.08
N GLU A 447 -3.41 7.17 23.77
CA GLU A 447 -3.64 7.57 25.17
C GLU A 447 -4.71 8.70 25.33
N THR A 448 -4.85 9.54 24.31
CA THR A 448 -5.90 10.56 24.30
C THR A 448 -6.66 10.50 23.00
N GLU A 449 -7.85 11.09 22.98
CA GLU A 449 -8.66 11.15 21.77
C GLU A 449 -8.20 12.21 20.81
N ALA A 450 -7.47 13.22 21.30
CA ALA A 450 -6.97 14.31 20.45
C ALA A 450 -5.84 15.08 21.14
N ALA A 451 -5.08 15.83 20.37
CA ALA A 451 -4.00 16.63 20.97
C ALA A 451 -4.45 17.98 21.55
N HIS A 452 -5.66 18.40 21.22
CA HIS A 452 -6.22 19.69 21.66
C HIS A 452 -7.60 19.43 22.16
N ASP A 453 -8.31 20.43 22.65
CA ASP A 453 -9.63 20.19 23.20
C ASP A 453 -10.54 21.41 23.04
N GLU A 454 -11.72 21.41 23.66
CA GLU A 454 -12.65 22.50 23.43
C GLU A 454 -12.18 23.89 23.88
N ASN A 455 -11.12 23.97 24.68
CA ASN A 455 -10.60 25.28 25.10
C ASN A 455 -9.36 25.73 24.36
N THR A 456 -8.80 24.88 23.50
CA THR A 456 -7.67 25.32 22.66
C THR A 456 -8.06 26.52 21.78
N VAL A 457 -7.24 27.57 21.83
CA VAL A 457 -7.43 28.80 21.11
C VAL A 457 -6.34 28.95 20.04
N THR A 458 -6.73 29.22 18.80
CA THR A 458 -5.73 29.37 17.73
C THR A 458 -6.07 30.57 16.87
N GLY A 459 -5.06 31.33 16.49
CA GLY A 459 -5.19 32.53 15.71
C GLY A 459 -4.52 32.44 14.35
N TRP A 460 -5.17 33.08 13.35
CA TRP A 460 -4.56 33.31 12.06
C TRP A 460 -4.69 34.77 11.64
N GLY A 461 -3.72 35.25 10.89
CA GLY A 461 -3.73 36.62 10.44
C GLY A 461 -2.77 36.94 9.33
N LEU A 462 -3.32 37.34 8.19
CA LEU A 462 -2.54 37.56 7.00
C LEU A 462 -3.38 38.25 5.93
N PHE A 463 -2.75 39.17 5.22
CA PHE A 463 -3.37 39.95 4.12
C PHE A 463 -4.58 40.75 4.56
N GLY A 464 -4.61 41.15 5.81
CA GLY A 464 -5.74 41.88 6.41
C GLY A 464 -6.91 41.03 6.83
N MET A 465 -6.75 39.72 6.76
CA MET A 465 -7.81 38.81 7.14
C MET A 465 -7.42 38.27 8.49
N ARG A 466 -8.42 37.76 9.20
CA ARG A 466 -8.25 37.23 10.53
C ARG A 466 -9.10 35.98 10.72
N ALA A 467 -8.63 35.16 11.61
CA ALA A 467 -9.46 34.15 12.22
C ALA A 467 -8.98 33.89 13.62
N ILE A 468 -9.93 33.44 14.42
CA ILE A 468 -9.64 32.98 15.77
C ILE A 468 -10.58 31.81 16.02
N ARG A 469 -10.01 30.74 16.50
CA ARG A 469 -10.83 29.53 16.80
C ARG A 469 -10.69 29.00 18.25
N GLN A 470 -11.80 28.66 18.90
CA GLN A 470 -11.72 27.96 20.19
C GLN A 470 -12.58 26.72 20.13
N GLY A 471 -11.97 25.53 20.29
CA GLY A 471 -12.71 24.31 20.10
C GLY A 471 -13.25 24.26 18.67
N ASP A 472 -14.55 24.12 18.52
CA ASP A 472 -15.20 24.16 17.18
C ASP A 472 -15.72 25.54 16.78
N TRP A 473 -15.60 26.54 17.64
CA TRP A 473 -16.20 27.86 17.33
C TRP A 473 -15.13 28.69 16.65
N LYS A 474 -15.44 29.20 15.47
CA LYS A 474 -14.46 30.00 14.70
C LYS A 474 -15.09 31.33 14.31
N ALA A 475 -14.34 32.40 14.54
CA ALA A 475 -14.72 33.73 14.07
C ALA A 475 -13.81 34.08 12.93
N VAL A 476 -14.36 34.69 11.89
CA VAL A 476 -13.61 35.07 10.68
C VAL A 476 -13.82 36.53 10.34
N TYR A 477 -12.77 37.18 9.89
CA TYR A 477 -12.85 38.54 9.43
C TYR A 477 -12.23 38.71 8.07
N LEU A 478 -13.05 38.96 7.08
CA LEU A 478 -12.56 39.20 5.73
C LEU A 478 -12.80 40.66 5.33
N PRO A 479 -11.74 41.41 4.94
CA PRO A 479 -11.97 42.78 4.54
C PRO A 479 -12.56 42.90 3.14
N ALA A 480 -13.00 44.12 2.81
CA ALA A 480 -13.40 44.53 1.43
C ALA A 480 -12.21 44.43 0.47
N PRO A 481 -12.43 44.06 -0.79
CA PRO A 481 -13.72 43.78 -1.37
C PRO A 481 -14.18 42.33 -1.22
N VAL A 482 -13.46 41.50 -0.47
CA VAL A 482 -13.71 40.04 -0.54
C VAL A 482 -14.53 39.54 0.62
N GLY A 483 -14.92 40.44 1.51
CA GLY A 483 -15.87 40.11 2.52
C GLY A 483 -16.46 41.34 3.14
N PRO A 484 -17.30 41.14 4.17
CA PRO A 484 -18.06 42.26 4.77
C PRO A 484 -17.26 43.16 5.72
N ALA A 485 -15.98 42.89 5.94
CA ALA A 485 -15.16 43.69 6.84
C ALA A 485 -15.80 43.78 8.24
N THR A 486 -16.36 42.65 8.68
CA THR A 486 -16.83 42.45 10.04
C THR A 486 -16.66 40.98 10.41
N TRP A 487 -16.59 40.73 11.72
CA TRP A 487 -16.52 39.38 12.26
C TRP A 487 -17.77 38.53 12.04
N GLN A 488 -17.55 37.31 11.55
CA GLN A 488 -18.62 36.36 11.33
C GLN A 488 -18.28 35.17 12.18
N LEU A 489 -19.27 34.51 12.72
CA LEU A 489 -19.07 33.47 13.68
C LEU A 489 -19.60 32.19 13.12
N TYR A 490 -18.84 31.12 13.25
CA TYR A 490 -19.27 29.84 12.70
C TYR A 490 -19.08 28.70 13.71
N ASP A 491 -20.03 27.78 13.73
CA ASP A 491 -19.94 26.53 14.49
C ASP A 491 -19.44 25.46 13.52
N LEU A 492 -18.13 25.21 13.51
CA LEU A 492 -17.51 24.30 12.52
C LEU A 492 -17.97 22.82 12.62
N ALA A 493 -18.44 22.40 13.78
CA ALA A 493 -19.01 21.08 13.94
C ALA A 493 -20.30 20.97 13.16
N ARG A 494 -21.16 21.99 13.21
CA ARG A 494 -22.43 21.97 12.42
C ARG A 494 -22.32 22.52 10.98
N ASP A 495 -21.35 23.38 10.70
CA ASP A 495 -21.33 24.18 9.45
C ASP A 495 -19.87 24.29 8.96
N PRO A 496 -19.29 23.18 8.48
CA PRO A 496 -17.89 23.22 7.99
C PRO A 496 -17.71 24.17 6.79
N GLY A 497 -18.79 24.42 6.05
CA GLY A 497 -18.76 25.33 4.95
C GLY A 497 -18.68 26.81 5.30
N GLU A 498 -18.89 27.15 6.57
CA GLU A 498 -18.88 28.56 7.09
C GLU A 498 -19.92 29.35 6.32
N ILE A 499 -21.12 28.79 6.28
CA ILE A 499 -22.23 29.37 5.55
C ILE A 499 -23.11 30.18 6.49
N HIS A 500 -23.30 29.74 7.72
CA HIS A 500 -24.34 30.34 8.58
C HIS A 500 -23.73 31.20 9.65
N ASP A 501 -23.69 32.51 9.40
CA ASP A 501 -23.10 33.44 10.34
C ASP A 501 -23.92 33.48 11.61
N LEU A 502 -23.29 33.27 12.76
CA LEU A 502 -23.99 33.22 14.06
C LEU A 502 -23.68 34.40 14.97
N ALA A 503 -23.08 35.44 14.41
CA ALA A 503 -22.72 36.64 15.16
C ALA A 503 -23.91 37.32 15.86
N ASP A 504 -25.10 37.28 15.28
CA ASP A 504 -26.30 37.86 15.91
C ASP A 504 -27.03 36.86 16.80
N SER A 505 -26.89 35.59 16.48
CA SER A 505 -27.49 34.52 17.23
C SER A 505 -26.72 34.18 18.53
N GLN A 506 -25.41 34.39 18.56
CA GLN A 506 -24.54 34.00 19.69
C GLN A 506 -23.54 35.12 19.96
N PRO A 507 -24.02 36.32 20.32
CA PRO A 507 -23.09 37.45 20.46
C PRO A 507 -22.08 37.27 21.63
N GLY A 508 -22.49 36.60 22.71
CA GLY A 508 -21.59 36.29 23.81
C GLY A 508 -20.42 35.42 23.40
N LYS A 509 -20.71 34.35 22.67
CA LYS A 509 -19.64 33.51 22.09
C LYS A 509 -18.72 34.33 21.24
N LEU A 510 -19.27 35.19 20.41
CA LEU A 510 -18.42 36.06 19.52
C LEU A 510 -17.54 37.03 20.28
N ALA A 511 -18.12 37.67 21.28
CA ALA A 511 -17.37 38.60 22.14
C ALA A 511 -16.16 37.90 22.85
N GLU A 512 -16.39 36.68 23.32
CA GLU A 512 -15.32 35.83 23.87
C GLU A 512 -14.17 35.61 22.88
N LEU A 513 -14.54 35.29 21.62
CA LEU A 513 -13.53 35.05 20.60
C LEU A 513 -12.77 36.29 20.26
N ILE A 514 -13.46 37.44 20.24
CA ILE A 514 -12.78 38.71 19.96
C ILE A 514 -11.76 39.03 21.04
N GLU A 515 -12.05 38.64 22.28
CA GLU A 515 -11.07 38.74 23.34
C GLU A 515 -9.87 37.86 23.08
N HIS A 516 -10.11 36.62 22.66
CA HIS A 516 -8.96 35.77 22.32
C HIS A 516 -8.16 36.31 21.19
N TRP A 517 -8.84 36.94 20.23
CA TRP A 517 -8.15 37.50 19.08
C TRP A 517 -7.15 38.56 19.53
N LYS A 518 -7.54 39.43 20.44
CA LYS A 518 -6.63 40.46 20.96
C LYS A 518 -5.39 39.89 21.69
N ARG A 519 -5.57 38.79 22.44
CA ARG A 519 -4.47 38.07 23.09
C ARG A 519 -3.51 37.53 22.11
N TYR A 520 -4.06 36.91 21.04
CA TYR A 520 -3.26 36.48 19.91
C TYR A 520 -2.43 37.57 19.32
N VAL A 521 -3.07 38.68 19.04
CA VAL A 521 -2.38 39.85 18.45
C VAL A 521 -1.20 40.28 19.30
N SER A 522 -1.44 40.42 20.61
CA SER A 522 -0.38 40.88 21.52
C SER A 522 0.69 39.81 21.76
N ASP A 523 0.32 38.53 21.94
CA ASP A 523 1.30 37.42 22.12
C ASP A 523 2.16 37.07 20.90
N THR A 524 1.62 37.23 19.69
CA THR A 524 2.43 36.95 18.48
C THR A 524 2.97 38.20 17.81
N GLY A 525 2.48 39.37 18.19
CA GLY A 525 2.97 40.64 17.58
C GLY A 525 2.38 40.92 16.20
N VAL A 526 1.08 40.71 16.06
CA VAL A 526 0.42 40.95 14.78
C VAL A 526 0.37 42.47 14.50
N VAL A 527 0.91 42.89 13.35
CA VAL A 527 0.66 44.22 12.80
C VAL A 527 -0.09 44.09 11.48
N GLU A 528 -1.22 44.79 11.38
CA GLU A 528 -2.19 44.61 10.30
C GLU A 528 -2.36 45.89 9.49
N LYS B 3 1.63 -6.60 24.46
CA LYS B 3 0.96 -6.45 23.13
C LYS B 3 1.23 -7.65 22.17
N ARG B 4 0.47 -8.75 22.32
CA ARG B 4 0.55 -9.91 21.38
C ARG B 4 -0.24 -9.66 20.07
N PRO B 5 0.36 -9.95 18.90
CA PRO B 5 -0.33 -9.75 17.61
C PRO B 5 -1.46 -10.70 17.23
N ASN B 6 -2.36 -10.18 16.41
CA ASN B 6 -3.28 -11.00 15.64
C ASN B 6 -2.53 -11.74 14.52
N PHE B 7 -3.19 -12.75 13.96
CA PHE B 7 -2.65 -13.46 12.81
C PHE B 7 -3.70 -13.51 11.71
N LEU B 8 -3.26 -13.30 10.49
CA LEU B 8 -4.09 -13.51 9.30
C LEU B 8 -3.26 -14.36 8.38
N VAL B 9 -3.71 -15.60 8.21
CA VAL B 9 -2.99 -16.59 7.36
C VAL B 9 -3.94 -16.86 6.20
N ILE B 10 -3.56 -16.36 5.04
CA ILE B 10 -4.31 -16.50 3.81
C ILE B 10 -3.57 -17.48 2.89
N VAL B 11 -4.34 -18.44 2.37
CA VAL B 11 -3.82 -19.50 1.50
C VAL B 11 -4.66 -19.51 0.22
N ALA B 12 -3.99 -19.28 -0.90
CA ALA B 12 -4.56 -19.49 -2.22
C ALA B 12 -4.35 -20.98 -2.65
N ASP B 13 -5.28 -21.51 -3.44
CA ASP B 13 -5.31 -22.93 -3.77
C ASP B 13 -4.81 -23.04 -5.21
N ASP B 14 -3.54 -23.41 -5.41
CA ASP B 14 -2.97 -23.64 -6.76
C ASP B 14 -2.67 -22.35 -7.49
N LEU B 15 -2.51 -21.25 -6.77
CA LEU B 15 -2.06 -20.01 -7.42
C LEU B 15 -0.56 -20.13 -7.83
N GLY B 16 -0.21 -19.69 -9.03
CA GLY B 16 1.18 -19.83 -9.53
C GLY B 16 2.09 -18.75 -8.99
N PHE B 17 3.36 -19.08 -8.95
CA PHE B 17 4.37 -18.19 -8.41
C PHE B 17 4.29 -16.73 -8.92
N SER B 18 4.09 -16.54 -10.23
CA SER B 18 4.19 -15.16 -10.84
C SER B 18 2.83 -14.59 -11.26
N ASP B 19 1.75 -15.10 -10.70
CA ASP B 19 0.41 -14.61 -11.10
C ASP B 19 0.10 -13.23 -10.54
N ILE B 20 0.50 -12.97 -9.28
CA ILE B 20 0.27 -11.69 -8.61
C ILE B 20 1.22 -10.59 -9.12
N GLY B 21 0.69 -9.38 -9.18
CA GLY B 21 1.44 -8.21 -9.63
C GLY B 21 2.83 -8.08 -9.04
N ALA B 22 2.92 -8.09 -7.72
CA ALA B 22 4.21 -7.99 -7.04
C ALA B 22 5.14 -9.21 -7.22
N PHE B 23 4.66 -10.29 -7.83
CA PHE B 23 5.49 -11.42 -8.15
C PHE B 23 5.68 -11.50 -9.69
N GLY B 24 5.46 -10.41 -10.41
CA GLY B 24 5.70 -10.39 -11.86
C GLY B 24 4.49 -10.50 -12.76
N GLY B 25 3.31 -10.50 -12.18
CA GLY B 25 2.10 -10.84 -12.92
C GLY B 25 1.32 -9.68 -13.51
N GLU B 26 0.55 -9.97 -14.55
CA GLU B 26 -0.38 -9.00 -15.16
C GLU B 26 -1.78 -8.99 -14.49
N ILE B 27 -2.07 -9.95 -13.61
CA ILE B 27 -3.42 -9.99 -12.98
C ILE B 27 -3.56 -8.85 -11.98
N ALA B 28 -4.72 -8.21 -11.93
CA ALA B 28 -4.89 -7.08 -11.02
C ALA B 28 -5.07 -7.61 -9.61
N THR B 29 -4.10 -7.37 -8.77
CA THR B 29 -4.15 -7.83 -7.38
C THR B 29 -3.67 -6.68 -6.50
N PRO B 30 -4.43 -5.56 -6.48
CA PRO B 30 -3.92 -4.40 -5.72
C PRO B 30 -3.69 -4.66 -4.20
N ASN B 31 -4.54 -5.48 -3.56
CA ASN B 31 -4.50 -5.58 -2.10
C ASN B 31 -3.31 -6.41 -1.69
N LEU B 32 -3.11 -7.53 -2.37
CA LEU B 32 -1.91 -8.30 -2.17
C LEU B 32 -0.64 -7.56 -2.56
N ASP B 33 -0.67 -6.83 -3.65
CA ASP B 33 0.49 -6.02 -4.02
C ASP B 33 0.91 -5.10 -2.87
N ALA B 34 -0.04 -4.47 -2.20
CA ALA B 34 0.25 -3.53 -1.11
C ALA B 34 0.91 -4.21 0.09
N LEU B 35 0.40 -5.40 0.41
CA LEU B 35 0.97 -6.24 1.43
C LEU B 35 2.34 -6.72 1.04
N ALA B 36 2.47 -7.17 -0.19
CA ALA B 36 3.73 -7.79 -0.66
C ALA B 36 4.88 -6.83 -0.68
N ILE B 37 4.64 -5.68 -1.29
CA ILE B 37 5.67 -4.68 -1.47
C ILE B 37 6.15 -4.11 -0.14
N ALA B 38 5.20 -3.81 0.73
CA ALA B 38 5.47 -3.33 2.13
C ALA B 38 6.10 -4.40 2.99
N GLY B 39 5.66 -5.62 2.78
CA GLY B 39 6.19 -6.74 3.53
C GLY B 39 7.42 -7.34 2.91
N LEU B 40 7.58 -8.64 3.11
CA LEU B 40 8.77 -9.34 2.64
C LEU B 40 8.32 -10.44 1.73
N ARG B 41 8.76 -10.40 0.47
CA ARG B 41 8.48 -11.43 -0.50
C ARG B 41 9.55 -12.49 -0.44
N LEU B 42 9.09 -13.75 -0.39
CA LEU B 42 9.95 -14.93 -0.26
C LEU B 42 10.03 -15.68 -1.59
N THR B 43 11.24 -15.90 -2.10
CA THR B 43 11.38 -16.58 -3.36
C THR B 43 11.91 -17.96 -3.16
N ASP B 44 12.09 -18.38 -1.91
CA ASP B 44 12.65 -19.71 -1.62
C ASP B 44 11.80 -20.35 -0.50
N PHE B 45 10.49 -20.08 -0.51
CA PHE B 45 9.54 -20.67 0.42
C PHE B 45 8.93 -21.87 -0.26
N HIS B 46 8.76 -22.95 0.51
CA HIS B 46 8.35 -24.23 0.03
C HIS B 46 7.20 -24.85 0.78
N THR B 47 6.36 -25.55 0.04
CA THR B 47 5.29 -26.33 0.57
C THR B 47 5.57 -27.76 0.24
N ALA B 48 4.53 -28.59 0.42
CA ALA B 48 4.44 -29.87 -0.25
C ALA B 48 3.91 -29.70 -1.68
N SER B 49 3.94 -30.77 -2.47
CA SER B 49 3.56 -30.69 -3.91
C SER B 49 2.05 -30.72 -4.13
N ALA B 50 1.27 -30.95 -3.06
CA ALA B 50 -0.20 -30.95 -3.14
C ALA B 50 -0.86 -30.28 -1.92
N DDZ B 51 -2.17 -30.08 -2.05
CA DDZ B 51 -2.99 -29.30 -1.11
C DDZ B 51 -3.08 -29.79 0.32
O DDZ B 51 -2.66 -29.06 1.22
OG1 DDZ B 51 -4.40 -28.78 -3.17
OG2 DDZ B 51 -5.32 -28.55 -0.92
CB DDZ B 51 -4.39 -29.25 -1.76
N SER B 52 -3.67 -30.96 0.56
CA SER B 52 -3.87 -31.47 1.91
C SER B 52 -2.54 -31.80 2.68
N PRO B 53 -1.50 -32.32 2.00
CA PRO B 53 -0.21 -32.41 2.67
C PRO B 53 0.34 -31.04 3.10
N THR B 54 0.28 -30.05 2.24
CA THR B 54 0.72 -28.69 2.69
C THR B 54 -0.07 -28.14 3.92
N ARG B 55 -1.37 -28.31 3.89
CA ARG B 55 -2.23 -27.78 4.93
C ARG B 55 -1.98 -28.42 6.29
N SER B 56 -1.71 -29.74 6.24
CA SER B 56 -1.39 -30.52 7.41
C SER B 56 -0.08 -30.00 8.04
N MET B 57 0.84 -29.62 7.18
CA MET B 57 2.11 -29.10 7.63
C MET B 57 1.93 -27.70 8.17
N LEU B 58 1.14 -26.89 7.48
CA LEU B 58 1.00 -25.49 7.89
C LEU B 58 0.45 -25.41 9.32
N LEU B 59 -0.58 -26.20 9.59
CA LEU B 59 -1.21 -26.21 10.89
C LEU B 59 -0.58 -27.07 12.05
N THR B 60 0.50 -27.81 11.82
CA THR B 60 1.17 -28.62 12.84
C THR B 60 2.65 -28.28 12.99
N GLY B 61 3.31 -27.83 11.92
CA GLY B 61 4.76 -27.60 12.01
C GLY B 61 5.65 -28.81 11.75
N THR B 62 5.03 -29.94 11.41
CA THR B 62 5.77 -31.14 11.08
C THR B 62 5.41 -31.65 9.68
N ASP B 63 6.08 -32.74 9.29
CA ASP B 63 5.90 -33.32 7.99
C ASP B 63 4.52 -33.98 7.84
N HIS B 64 3.98 -33.94 6.61
CA HIS B 64 2.64 -34.49 6.36
C HIS B 64 2.54 -36.04 6.55
N HIS B 65 3.64 -36.72 6.39
CA HIS B 65 3.69 -38.16 6.61
C HIS B 65 3.49 -38.53 8.11
N ILE B 66 3.74 -37.58 9.00
CA ILE B 66 3.47 -37.74 10.44
C ILE B 66 2.03 -37.39 10.76
N ALA B 67 1.52 -36.34 10.12
CA ALA B 67 0.30 -35.64 10.55
C ALA B 67 -0.99 -36.24 10.08
N GLY B 68 -0.93 -37.27 9.22
CA GLY B 68 -2.17 -37.96 8.78
C GLY B 68 -2.46 -37.93 7.27
N LEU B 69 -1.66 -37.14 6.54
CA LEU B 69 -1.81 -36.89 5.10
C LEU B 69 -0.52 -37.37 4.37
N GLY B 70 -0.16 -38.62 4.64
CA GLY B 70 1.03 -39.21 4.08
C GLY B 70 0.84 -39.32 2.58
N THR B 71 -0.38 -39.60 2.18
CA THR B 71 -0.83 -39.25 0.85
C THR B 71 -2.19 -38.58 0.93
N VAL B 72 -2.68 -38.13 -0.22
CA VAL B 72 -3.96 -37.46 -0.32
C VAL B 72 -5.09 -38.45 -0.02
N ALA B 73 -6.06 -38.01 0.75
CA ALA B 73 -7.19 -38.87 1.18
C ALA B 73 -7.83 -39.67 0.02
N GLU B 74 -7.87 -39.03 -1.14
CA GLU B 74 -8.52 -39.54 -2.33
C GLU B 74 -7.73 -40.69 -3.02
N ALA B 75 -6.47 -40.92 -2.63
CA ALA B 75 -5.61 -41.95 -3.19
C ALA B 75 -5.24 -43.06 -2.20
N LEU B 76 -6.04 -43.25 -1.17
CA LEU B 76 -5.75 -44.25 -0.14
C LEU B 76 -6.14 -45.65 -0.60
N THR B 77 -5.11 -46.48 -0.82
CA THR B 77 -5.27 -47.86 -1.29
C THR B 77 -5.27 -48.77 -0.06
N PRO B 78 -5.35 -50.11 -0.26
CA PRO B 78 -5.29 -51.01 0.91
C PRO B 78 -3.89 -51.12 1.54
N GLU B 79 -2.82 -51.04 0.73
CA GLU B 79 -1.43 -51.14 1.29
C GLU B 79 -0.97 -49.88 2.04
N LEU B 80 -1.73 -48.78 1.97
CA LEU B 80 -1.44 -47.58 2.76
C LEU B 80 -2.45 -47.40 3.90
N GLU B 81 -3.73 -47.68 3.64
CA GLU B 81 -4.79 -47.51 4.65
C GLU B 81 -4.50 -48.40 5.87
N GLY B 82 -4.52 -47.80 7.06
CA GLY B 82 -4.06 -48.45 8.28
C GLY B 82 -2.70 -47.99 8.78
N LYS B 83 -1.78 -47.61 7.86
CA LYS B 83 -0.42 -47.17 8.24
C LYS B 83 -0.43 -45.82 9.00
N PRO B 84 0.50 -45.65 9.96
CA PRO B 84 0.48 -44.46 10.81
C PRO B 84 0.91 -43.20 10.07
N GLY B 85 0.03 -42.20 10.08
CA GLY B 85 0.19 -40.96 9.32
C GLY B 85 -0.44 -40.97 7.94
N TYR B 86 -1.16 -42.06 7.62
CA TYR B 86 -1.89 -42.23 6.36
C TYR B 86 -3.36 -42.42 6.65
N GLU B 87 -3.83 -41.74 7.69
CA GLU B 87 -5.21 -41.85 8.08
C GLU B 87 -6.16 -41.09 7.14
N GLY B 88 -5.65 -40.14 6.36
CA GLY B 88 -6.50 -39.34 5.44
C GLY B 88 -7.18 -38.11 6.06
N HIS B 89 -6.76 -37.79 7.28
CA HIS B 89 -7.24 -36.63 7.96
C HIS B 89 -6.16 -36.26 8.95
N LEU B 90 -6.26 -35.04 9.47
CA LEU B 90 -5.40 -34.62 10.57
C LEU B 90 -5.75 -35.53 11.73
N ASN B 91 -4.72 -36.03 12.37
CA ASN B 91 -4.82 -37.22 13.20
C ASN B 91 -4.48 -36.89 14.68
N GLU B 92 -4.30 -37.95 15.48
CA GLU B 92 -4.18 -37.84 16.91
C GLU B 92 -2.74 -37.58 17.32
N ARG B 93 -1.77 -37.90 16.46
CA ARG B 93 -0.33 -37.77 16.79
C ARG B 93 0.22 -36.34 16.67
N VAL B 94 -0.65 -35.39 16.34
CA VAL B 94 -0.25 -33.98 16.28
C VAL B 94 -1.29 -33.09 16.91
N VAL B 95 -0.82 -31.91 17.29
CA VAL B 95 -1.64 -30.86 17.83
C VAL B 95 -1.60 -29.69 16.84
N ALA B 96 -2.78 -29.21 16.52
CA ALA B 96 -2.96 -28.21 15.46
C ALA B 96 -2.75 -26.81 16.07
N LEU B 97 -2.08 -25.93 15.35
CA LEU B 97 -1.89 -24.50 15.70
C LEU B 97 -3.08 -23.80 16.32
N PRO B 98 -4.26 -23.83 15.69
CA PRO B 98 -5.40 -23.16 16.37
C PRO B 98 -5.84 -23.77 17.76
N GLU B 99 -5.68 -25.08 17.96
CA GLU B 99 -5.95 -25.68 19.26
C GLU B 99 -5.08 -25.00 20.34
N LEU B 100 -3.81 -24.78 20.01
CA LEU B 100 -2.86 -24.13 20.90
C LEU B 100 -3.13 -22.65 21.13
N LEU B 101 -3.54 -21.92 20.09
CA LEU B 101 -3.76 -20.48 20.22
C LEU B 101 -5.03 -20.26 21.00
N ARG B 102 -6.03 -21.11 20.76
CA ARG B 102 -7.30 -21.01 21.45
C ARG B 102 -7.15 -21.21 22.98
N GLU B 103 -6.33 -22.17 23.40
CA GLU B 103 -5.88 -22.30 24.79
C GLU B 103 -5.32 -20.99 25.36
N ALA B 104 -4.55 -20.27 24.54
CA ALA B 104 -3.85 -19.06 24.96
C ALA B 104 -4.59 -17.78 24.66
N GLY B 105 -5.91 -17.85 24.58
CA GLY B 105 -6.75 -16.65 24.51
C GLY B 105 -7.22 -16.19 23.15
N TYR B 106 -6.62 -16.72 22.08
CA TYR B 106 -6.96 -16.28 20.71
C TYR B 106 -8.36 -16.69 20.33
N GLN B 107 -9.05 -15.79 19.65
CA GLN B 107 -10.28 -16.13 18.93
C GLN B 107 -9.80 -16.76 17.61
N THR B 108 -10.13 -18.04 17.39
CA THR B 108 -9.76 -18.79 16.19
C THR B 108 -10.90 -18.81 15.19
N LEU B 109 -10.64 -18.24 13.99
CA LEU B 109 -11.69 -17.84 13.05
C LEU B 109 -11.22 -18.39 11.69
N MET B 110 -12.11 -19.07 10.97
CA MET B 110 -11.77 -19.65 9.65
C MET B 110 -12.92 -19.52 8.70
N ALA B 111 -12.64 -19.19 7.45
CA ALA B 111 -13.57 -19.34 6.38
C ALA B 111 -12.76 -19.77 5.16
N GLY B 112 -13.08 -20.92 4.59
CA GLY B 112 -12.33 -21.46 3.47
C GLY B 112 -12.37 -22.96 3.33
N LYS B 113 -11.48 -23.44 2.47
CA LYS B 113 -11.34 -24.86 2.24
C LYS B 113 -10.57 -25.44 3.42
N TRP B 114 -11.01 -26.62 3.84
CA TRP B 114 -10.36 -27.35 4.92
C TRP B 114 -9.45 -28.43 4.35
N HIS B 115 -10.08 -29.46 3.78
CA HIS B 115 -9.37 -30.59 3.17
C HIS B 115 -8.53 -31.38 4.15
N LEU B 116 -8.90 -31.35 5.43
CA LEU B 116 -8.14 -32.08 6.47
C LEU B 116 -9.06 -33.10 7.19
N GLY B 117 -10.20 -33.43 6.59
CA GLY B 117 -11.10 -34.43 7.12
C GLY B 117 -12.50 -34.01 6.88
N LEU B 118 -13.37 -35.00 6.70
CA LEU B 118 -14.75 -34.79 6.37
C LEU B 118 -15.75 -35.11 7.50
N LYS B 119 -15.35 -35.89 8.51
CA LYS B 119 -16.27 -36.33 9.59
C LYS B 119 -16.28 -35.30 10.72
N PRO B 120 -17.40 -35.22 11.48
CA PRO B 120 -17.61 -34.25 12.58
C PRO B 120 -16.43 -34.05 13.52
N GLU B 121 -15.82 -35.15 13.89
CA GLU B 121 -14.64 -35.17 14.74
C GLU B 121 -13.36 -34.67 14.04
N GLN B 122 -13.43 -34.40 12.73
CA GLN B 122 -12.23 -33.95 11.97
C GLN B 122 -12.35 -32.53 11.44
N THR B 123 -13.46 -31.85 11.75
CA THR B 123 -13.81 -30.51 11.24
C THR B 123 -12.95 -29.42 11.82
N PRO B 124 -12.96 -28.23 11.19
CA PRO B 124 -12.27 -27.10 11.84
C PRO B 124 -12.76 -26.91 13.29
N HIS B 125 -14.08 -26.97 13.49
CA HIS B 125 -14.63 -26.90 14.82
C HIS B 125 -14.05 -27.93 15.78
N ALA B 126 -13.97 -29.22 15.37
CA ALA B 126 -13.26 -30.24 16.17
C ALA B 126 -11.81 -29.97 16.33
N ARG B 127 -11.11 -29.35 15.37
CA ARG B 127 -9.64 -29.10 15.55
C ARG B 127 -9.23 -27.68 15.97
N GLY B 128 -10.15 -26.97 16.63
CA GLY B 128 -9.78 -25.80 17.40
C GLY B 128 -10.21 -24.45 16.90
N PHE B 129 -11.10 -24.41 15.93
CA PHE B 129 -11.68 -23.13 15.50
C PHE B 129 -12.97 -22.86 16.23
N GLU B 130 -13.09 -21.69 16.86
CA GLU B 130 -14.33 -21.29 17.54
C GLU B 130 -15.38 -21.04 16.53
N ARG B 131 -15.01 -20.35 15.45
CA ARG B 131 -15.94 -20.09 14.37
C ARG B 131 -15.35 -20.48 13.01
N SER B 132 -16.16 -21.17 12.21
CA SER B 132 -15.71 -21.73 10.94
C SER B 132 -16.84 -21.85 9.95
N PHE B 133 -16.55 -21.48 8.71
CA PHE B 133 -17.44 -21.67 7.56
C PHE B 133 -16.51 -22.36 6.54
N SER B 134 -16.75 -23.64 6.27
CA SER B 134 -15.76 -24.43 5.52
C SER B 134 -16.31 -25.40 4.48
N LEU B 135 -15.67 -25.38 3.31
CA LEU B 135 -15.69 -26.48 2.38
C LEU B 135 -14.80 -27.59 2.91
N LEU B 136 -15.38 -28.74 3.16
CA LEU B 136 -14.56 -29.84 3.69
C LEU B 136 -13.68 -30.57 2.69
N PRO B 137 -14.19 -30.89 1.48
CA PRO B 137 -13.32 -31.56 0.48
C PRO B 137 -12.22 -30.67 -0.17
N GLY B 138 -11.44 -31.25 -1.09
CA GLY B 138 -10.36 -30.53 -1.79
C GLY B 138 -10.76 -29.60 -2.92
N ALA B 139 -12.00 -29.72 -3.39
CA ALA B 139 -12.58 -28.83 -4.36
C ALA B 139 -14.06 -29.00 -4.39
N ALA B 140 -14.71 -28.07 -5.05
CA ALA B 140 -16.10 -28.12 -5.34
C ALA B 140 -16.40 -27.02 -6.38
N ASN B 141 -17.57 -27.10 -6.97
CA ASN B 141 -18.09 -26.11 -7.84
C ASN B 141 -18.18 -24.80 -7.05
N HIS B 142 -17.59 -23.73 -7.57
CA HIS B 142 -17.56 -22.45 -6.84
C HIS B 142 -18.90 -21.80 -6.63
N TYR B 143 -19.88 -22.17 -7.44
CA TYR B 143 -21.25 -21.71 -7.31
C TYR B 143 -22.19 -22.71 -6.64
N GLY B 144 -21.72 -23.88 -6.20
CA GLY B 144 -22.59 -24.92 -5.62
C GLY B 144 -23.51 -25.64 -6.57
N PHE B 145 -23.26 -25.55 -7.87
CA PHE B 145 -23.99 -26.35 -8.86
C PHE B 145 -23.39 -27.76 -8.86
N GLU B 146 -24.25 -28.75 -8.73
CA GLU B 146 -23.82 -30.12 -8.53
C GLU B 146 -24.28 -30.99 -9.65
N PRO B 147 -23.43 -31.92 -10.09
CA PRO B 147 -23.89 -32.89 -11.07
C PRO B 147 -24.70 -33.98 -10.37
N PRO B 148 -25.38 -34.84 -11.12
CA PRO B 148 -25.91 -36.05 -10.48
C PRO B 148 -24.82 -36.96 -9.89
N TYR B 149 -25.11 -37.48 -8.69
CA TYR B 149 -24.22 -38.34 -7.94
C TYR B 149 -24.79 -39.74 -7.92
N ASP B 150 -24.22 -40.59 -8.73
CA ASP B 150 -24.43 -42.00 -8.61
C ASP B 150 -23.22 -42.76 -9.15
N GLU B 151 -23.37 -44.06 -9.29
CA GLU B 151 -22.34 -44.93 -9.86
C GLU B 151 -21.74 -44.51 -11.21
N SER B 152 -22.48 -43.81 -12.05
CA SER B 152 -21.91 -43.36 -13.33
C SER B 152 -21.09 -42.06 -13.21
N THR B 153 -21.01 -41.46 -12.02
CA THR B 153 -20.38 -40.17 -11.86
C THR B 153 -18.86 -40.37 -11.80
N PRO B 154 -18.09 -39.60 -12.60
CA PRO B 154 -16.62 -39.72 -12.50
C PRO B 154 -16.09 -39.56 -11.07
N ARG B 155 -15.10 -40.38 -10.70
CA ARG B 155 -14.52 -40.40 -9.34
C ARG B 155 -14.08 -38.99 -8.87
N ILE B 156 -13.44 -38.24 -9.74
CA ILE B 156 -13.04 -36.84 -9.43
C ILE B 156 -14.22 -35.91 -9.05
N LEU B 157 -15.37 -36.05 -9.73
CA LEU B 157 -16.58 -35.35 -9.29
C LEU B 157 -17.15 -35.90 -7.95
N LYS B 158 -17.19 -37.22 -7.79
CA LYS B 158 -17.72 -37.79 -6.54
C LYS B 158 -16.95 -37.35 -5.30
N GLY B 159 -15.62 -37.22 -5.44
CA GLY B 159 -14.78 -36.77 -4.38
C GLY B 159 -14.79 -35.28 -4.10
N THR B 160 -15.52 -34.46 -4.90
CA THR B 160 -15.53 -32.98 -4.77
C THR B 160 -16.93 -32.40 -4.66
N PRO B 161 -17.78 -32.95 -3.75
CA PRO B 161 -19.08 -32.29 -3.55
C PRO B 161 -18.97 -30.97 -2.78
N ALA B 162 -20.01 -30.19 -2.86
CA ALA B 162 -20.08 -28.92 -2.15
C ALA B 162 -20.56 -29.19 -0.71
N LEU B 163 -19.66 -29.73 0.09
CA LEU B 163 -19.92 -30.19 1.43
C LEU B 163 -19.39 -29.18 2.39
N TYR B 164 -20.29 -28.37 2.87
CA TYR B 164 -19.97 -27.23 3.71
C TYR B 164 -20.45 -27.42 5.12
N VAL B 165 -19.63 -27.03 6.08
CA VAL B 165 -20.06 -26.93 7.47
C VAL B 165 -19.91 -25.51 7.97
N GLU B 166 -20.79 -25.15 8.89
CA GLU B 166 -20.61 -23.95 9.71
C GLU B 166 -20.64 -24.42 11.16
N ASP B 167 -19.48 -24.39 11.79
CA ASP B 167 -19.27 -24.90 13.15
C ASP B 167 -19.51 -26.41 13.25
N GLU B 168 -20.65 -26.84 13.79
CA GLU B 168 -21.03 -28.25 13.88
C GLU B 168 -22.12 -28.58 12.88
N ARG B 169 -22.79 -27.58 12.28
CA ARG B 169 -23.91 -27.78 11.36
C ARG B 169 -23.36 -28.02 9.94
N TYR B 170 -23.55 -29.25 9.44
CA TYR B 170 -23.38 -29.60 8.04
C TYR B 170 -24.52 -28.96 7.31
N LEU B 171 -24.23 -28.04 6.38
CA LEU B 171 -25.28 -27.17 5.81
C LEU B 171 -26.20 -27.88 4.85
N ASP B 172 -27.49 -27.55 4.91
CA ASP B 172 -28.49 -28.12 3.99
C ASP B 172 -28.50 -27.40 2.62
N THR B 173 -28.51 -26.05 2.65
CA THR B 173 -28.43 -25.21 1.45
C THR B 173 -27.26 -24.22 1.59
N LEU B 174 -26.92 -23.55 0.50
CA LEU B 174 -25.87 -22.52 0.57
C LEU B 174 -26.47 -21.12 0.62
N PRO B 175 -25.75 -20.15 1.19
CA PRO B 175 -26.31 -18.79 1.16
C PRO B 175 -26.72 -18.36 -0.23
N GLU B 176 -27.66 -17.43 -0.31
CA GLU B 176 -28.13 -16.93 -1.60
C GLU B 176 -26.94 -16.29 -2.36
N GLY B 177 -26.93 -16.42 -3.67
CA GLY B 177 -25.85 -15.88 -4.55
C GLY B 177 -24.46 -16.37 -4.23
N PHE B 178 -24.33 -17.62 -3.80
CA PHE B 178 -23.08 -18.22 -3.39
C PHE B 178 -22.02 -18.21 -4.52
N TYR B 179 -20.85 -17.67 -4.19
CA TYR B 179 -19.65 -17.78 -5.01
C TYR B 179 -18.56 -17.88 -3.99
N SER B 180 -17.84 -18.98 -4.02
CA SER B 180 -16.99 -19.37 -2.93
C SER B 180 -16.16 -18.26 -2.35
N SER B 181 -15.38 -17.62 -3.20
CA SER B 181 -14.46 -16.60 -2.69
C SER B 181 -15.19 -15.44 -1.93
N ASP B 182 -16.32 -15.01 -2.45
CA ASP B 182 -17.20 -14.05 -1.80
C ASP B 182 -17.80 -14.54 -0.51
N ALA B 183 -18.21 -15.82 -0.47
CA ALA B 183 -18.76 -16.41 0.74
C ALA B 183 -17.74 -16.48 1.85
N PHE B 184 -16.50 -16.85 1.49
CA PHE B 184 -15.44 -16.88 2.47
C PHE B 184 -15.12 -15.48 2.96
N GLY B 185 -15.06 -14.53 2.03
CA GLY B 185 -14.82 -13.14 2.41
C GLY B 185 -15.93 -12.67 3.34
N ASP B 186 -17.18 -12.93 2.99
CA ASP B 186 -18.33 -12.47 3.80
C ASP B 186 -18.27 -13.00 5.22
N LYS B 187 -17.98 -14.30 5.33
CA LYS B 187 -17.97 -14.99 6.58
C LYS B 187 -16.84 -14.61 7.49
N LEU B 188 -15.62 -14.53 7.01
CA LEU B 188 -14.55 -14.09 7.84
C LEU B 188 -14.81 -12.66 8.28
N LEU B 189 -15.39 -11.86 7.40
CA LEU B 189 -15.63 -10.47 7.75
C LEU B 189 -16.68 -10.37 8.89
N GLN B 190 -17.74 -11.17 8.75
CA GLN B 190 -18.74 -11.38 9.80
C GLN B 190 -18.08 -11.71 11.15
N TYR B 191 -17.30 -12.79 11.20
CA TYR B 191 -16.58 -13.19 12.39
C TYR B 191 -15.68 -12.08 12.95
N LEU B 192 -15.03 -11.31 12.09
CA LEU B 192 -14.13 -10.27 12.55
C LEU B 192 -14.96 -9.14 13.16
N LYS B 193 -16.10 -8.81 12.54
CA LYS B 193 -16.97 -7.78 13.05
C LYS B 193 -17.61 -8.19 14.38
N GLU B 194 -17.85 -9.49 14.52
CA GLU B 194 -18.49 -10.01 15.70
C GLU B 194 -17.50 -10.33 16.80
N ARG B 195 -16.20 -10.08 16.61
CA ARG B 195 -15.18 -10.52 17.54
C ARG B 195 -15.22 -9.77 18.85
N ASP B 196 -14.53 -10.33 19.82
CA ASP B 196 -14.25 -9.65 21.08
C ASP B 196 -13.03 -8.78 20.80
N GLN B 197 -13.30 -7.48 20.63
CA GLN B 197 -12.28 -6.51 20.19
C GLN B 197 -11.08 -6.37 21.13
N SER B 198 -11.25 -6.75 22.37
CA SER B 198 -10.21 -6.64 23.39
C SER B 198 -9.19 -7.77 23.44
N ARG B 199 -9.42 -8.87 22.72
CA ARG B 199 -8.50 -10.06 22.63
C ARG B 199 -8.00 -10.29 21.17
N PRO B 200 -6.83 -10.88 21.00
CA PRO B 200 -6.38 -11.09 19.63
C PRO B 200 -7.07 -12.25 18.87
N PHE B 201 -7.03 -12.18 17.53
CA PHE B 201 -7.58 -13.25 16.66
C PHE B 201 -6.46 -14.02 15.90
N PHE B 202 -6.76 -15.27 15.55
CA PHE B 202 -6.04 -16.09 14.55
C PHE B 202 -7.11 -16.33 13.47
N ALA B 203 -6.96 -15.63 12.33
CA ALA B 203 -7.90 -15.69 11.20
C ALA B 203 -7.21 -16.51 10.11
N TYR B 204 -7.88 -17.58 9.69
CA TYR B 204 -7.41 -18.48 8.67
C TYR B 204 -8.34 -18.28 7.48
N LEU B 205 -7.77 -17.94 6.32
CA LEU B 205 -8.55 -17.64 5.11
C LEU B 205 -8.06 -18.46 3.94
N PRO B 206 -8.37 -19.80 3.93
CA PRO B 206 -7.92 -20.68 2.84
C PRO B 206 -8.93 -20.66 1.67
N PHE B 207 -8.68 -19.86 0.66
CA PHE B 207 -9.57 -19.81 -0.49
C PHE B 207 -9.56 -21.17 -1.25
N SER B 208 -10.59 -21.45 -2.00
CA SER B 208 -10.54 -22.55 -2.95
C SER B 208 -10.23 -22.02 -4.35
N ALA B 209 -10.23 -20.71 -4.55
CA ALA B 209 -9.74 -20.06 -5.79
C ALA B 209 -8.23 -20.03 -5.82
N PRO B 210 -7.55 -20.14 -6.97
CA PRO B 210 -8.07 -20.33 -8.30
C PRO B 210 -8.09 -21.83 -8.76
N HIS B 211 -8.60 -22.72 -7.96
CA HIS B 211 -8.61 -24.19 -8.27
C HIS B 211 -9.74 -24.46 -9.20
N TRP B 212 -9.52 -25.43 -10.08
CA TRP B 212 -10.54 -25.88 -10.99
C TRP B 212 -11.73 -26.38 -10.18
N PRO B 213 -12.92 -26.43 -10.79
CA PRO B 213 -13.23 -25.82 -12.09
C PRO B 213 -13.14 -24.28 -12.09
N LEU B 214 -12.66 -23.74 -13.20
CA LEU B 214 -12.32 -22.31 -13.28
C LEU B 214 -13.61 -21.54 -13.54
N GLN B 215 -13.97 -20.74 -12.54
CA GLN B 215 -15.29 -20.10 -12.52
C GLN B 215 -15.17 -18.80 -11.74
N ALA B 216 -15.81 -17.77 -12.22
CA ALA B 216 -15.70 -16.42 -11.68
C ALA B 216 -16.77 -15.51 -12.27
N PRO B 217 -17.08 -14.43 -11.57
CA PRO B 217 -18.12 -13.52 -12.01
C PRO B 217 -17.87 -12.95 -13.40
N ARG B 218 -18.90 -12.96 -14.24
CA ARG B 218 -18.79 -12.49 -15.60
C ARG B 218 -18.16 -11.08 -15.72
N GLU B 219 -18.56 -10.18 -14.83
CA GLU B 219 -18.10 -8.80 -14.90
C GLU B 219 -16.57 -8.64 -14.75
N ILE B 220 -15.96 -9.56 -14.02
CA ILE B 220 -14.53 -9.57 -13.81
C ILE B 220 -13.86 -10.32 -14.97
N VAL B 221 -14.44 -11.43 -15.43
CA VAL B 221 -13.88 -12.14 -16.57
C VAL B 221 -13.72 -11.24 -17.80
N GLU B 222 -14.71 -10.36 -17.96
CA GLU B 222 -14.79 -9.45 -19.04
C GLU B 222 -13.66 -8.48 -19.08
N LYS B 223 -13.08 -8.15 -17.93
CA LYS B 223 -11.93 -7.22 -17.89
C LYS B 223 -10.63 -7.82 -18.49
N TYR B 224 -10.58 -9.14 -18.65
CA TYR B 224 -9.41 -9.76 -19.25
C TYR B 224 -9.62 -10.18 -20.74
N ARG B 225 -10.72 -9.74 -21.36
CA ARG B 225 -11.05 -10.16 -22.70
C ARG B 225 -9.91 -9.83 -23.59
N GLY B 226 -9.37 -10.85 -24.24
CA GLY B 226 -8.32 -10.66 -25.24
C GLY B 226 -6.93 -10.66 -24.64
N ARG B 227 -6.82 -10.58 -23.32
CA ARG B 227 -5.52 -10.43 -22.69
C ARG B 227 -4.61 -11.61 -22.91
N TYR B 228 -5.16 -12.80 -23.11
CA TYR B 228 -4.34 -14.00 -23.23
C TYR B 228 -4.34 -14.59 -24.64
N ASP B 229 -4.73 -13.83 -25.65
CA ASP B 229 -4.83 -14.33 -27.03
C ASP B 229 -3.52 -14.78 -27.61
N ALA B 230 -2.40 -14.25 -27.11
CA ALA B 230 -1.04 -14.71 -27.58
C ALA B 230 -0.59 -16.04 -26.96
N GLY B 231 -1.30 -16.57 -25.96
CA GLY B 231 -1.03 -17.95 -25.49
C GLY B 231 -0.05 -18.06 -24.33
N PRO B 232 0.17 -19.26 -23.86
CA PRO B 232 0.92 -19.50 -22.64
C PRO B 232 2.45 -19.40 -22.75
N GLU B 233 3.01 -19.63 -23.95
CA GLU B 233 4.42 -19.34 -24.16
C GLU B 233 4.70 -17.80 -24.23
N ALA B 234 3.91 -17.07 -24.96
CA ALA B 234 4.03 -15.62 -24.99
C ALA B 234 3.87 -15.07 -23.58
N LEU B 235 2.90 -15.62 -22.84
CA LEU B 235 2.75 -15.26 -21.44
C LEU B 235 3.98 -15.59 -20.59
N ARG B 236 4.48 -16.80 -20.69
CA ARG B 236 5.63 -17.16 -19.94
C ARG B 236 6.82 -16.25 -20.17
N GLN B 237 7.06 -15.88 -21.41
CA GLN B 237 8.17 -14.94 -21.73
C GLN B 237 7.99 -13.55 -21.03
N GLU B 238 6.74 -13.12 -20.99
CA GLU B 238 6.35 -11.88 -20.29
C GLU B 238 6.66 -12.00 -18.79
N ARG B 239 6.27 -13.13 -18.22
CA ARG B 239 6.41 -13.36 -16.79
C ARG B 239 7.91 -13.40 -16.45
N LEU B 240 8.68 -14.11 -17.26
CA LEU B 240 10.12 -14.21 -17.03
C LEU B 240 10.81 -12.83 -17.07
N ALA B 241 10.52 -12.04 -18.10
CA ALA B 241 11.07 -10.67 -18.18
C ALA B 241 10.72 -9.82 -16.95
N ARG B 242 9.49 -9.93 -16.46
CA ARG B 242 9.06 -9.13 -15.33
C ARG B 242 9.64 -9.66 -14.01
N LEU B 243 9.73 -10.98 -13.86
CA LEU B 243 10.42 -11.58 -12.74
C LEU B 243 11.84 -11.06 -12.64
N LYS B 244 12.53 -10.96 -13.75
CA LYS B 244 13.91 -10.42 -13.76
C LYS B 244 13.99 -8.92 -13.43
N GLU B 245 13.14 -8.14 -14.07
CA GLU B 245 13.06 -6.71 -13.86
C GLU B 245 12.78 -6.36 -12.38
N LEU B 246 11.86 -7.09 -11.74
CA LEU B 246 11.51 -6.88 -10.34
C LEU B 246 12.54 -7.45 -9.34
N GLY B 247 13.51 -8.24 -9.82
CA GLY B 247 14.57 -8.76 -8.98
C GLY B 247 14.19 -10.06 -8.29
N LEU B 248 13.08 -10.68 -8.67
CA LEU B 248 12.67 -11.90 -8.01
C LEU B 248 13.49 -13.09 -8.48
N VAL B 249 14.00 -13.05 -9.71
CA VAL B 249 14.83 -14.10 -10.26
C VAL B 249 16.06 -13.38 -10.86
N GLU B 250 17.23 -14.03 -10.80
CA GLU B 250 18.48 -13.38 -11.25
C GLU B 250 18.50 -13.25 -12.80
N ALA B 251 19.07 -12.17 -13.32
CA ALA B 251 19.03 -11.90 -14.76
C ALA B 251 19.56 -13.08 -15.61
N ASP B 252 20.51 -13.84 -15.08
CA ASP B 252 21.12 -14.95 -15.81
C ASP B 252 20.40 -16.32 -15.68
N VAL B 253 19.26 -16.42 -14.99
CA VAL B 253 18.68 -17.74 -14.74
C VAL B 253 18.16 -18.34 -16.04
N GLU B 254 18.34 -19.65 -16.19
CA GLU B 254 17.92 -20.41 -17.34
C GLU B 254 16.63 -21.13 -16.94
N ALA B 255 15.52 -20.90 -17.64
CA ALA B 255 14.24 -21.48 -17.22
C ALA B 255 14.21 -22.90 -17.68
N HIS B 256 13.55 -23.78 -16.94
CA HIS B 256 13.42 -25.12 -17.41
C HIS B 256 12.54 -25.10 -18.68
N PRO B 257 12.84 -25.96 -19.68
CA PRO B 257 11.90 -26.17 -20.85
C PRO B 257 10.44 -26.62 -20.46
N VAL B 258 9.46 -26.20 -21.25
CA VAL B 258 8.06 -26.50 -20.95
C VAL B 258 7.83 -27.89 -21.48
N LEU B 259 7.27 -28.78 -20.67
CA LEU B 259 7.04 -30.14 -21.04
C LEU B 259 5.54 -30.36 -20.91
N ALA B 260 4.90 -30.67 -22.02
CA ALA B 260 3.49 -30.99 -22.00
C ALA B 260 3.21 -31.91 -23.15
N LEU B 261 2.17 -32.74 -22.96
CA LEU B 261 1.71 -33.67 -23.99
C LEU B 261 0.58 -33.10 -24.87
N THR B 262 0.00 -31.98 -24.48
CA THR B 262 -0.97 -31.27 -25.27
C THR B 262 -0.31 -30.54 -26.42
N ARG B 263 -1.14 -30.08 -27.33
CA ARG B 263 -0.64 -29.36 -28.48
C ARG B 263 -0.24 -27.95 -28.06
N GLU B 264 0.87 -27.49 -28.62
CA GLU B 264 1.28 -26.15 -28.40
C GLU B 264 0.28 -25.18 -29.00
N TRP B 265 0.39 -23.93 -28.60
CA TRP B 265 -0.64 -22.91 -28.92
C TRP B 265 -0.86 -22.78 -30.44
N GLU B 266 0.27 -22.75 -31.19
CA GLU B 266 0.24 -22.51 -32.64
C GLU B 266 -0.25 -23.71 -33.41
N ALA B 267 -0.27 -24.88 -32.77
CA ALA B 267 -0.89 -26.09 -33.37
C ALA B 267 -2.43 -26.19 -33.19
N LEU B 268 -3.05 -25.27 -32.46
CA LEU B 268 -4.45 -25.39 -32.13
C LEU B 268 -5.30 -24.68 -33.15
N GLU B 269 -6.42 -25.32 -33.48
CA GLU B 269 -7.50 -24.70 -34.28
C GLU B 269 -7.99 -23.44 -33.56
N ASP B 270 -8.58 -22.52 -34.32
CA ASP B 270 -9.04 -21.23 -33.76
C ASP B 270 -10.04 -21.35 -32.58
N GLU B 271 -10.90 -22.37 -32.63
CA GLU B 271 -11.92 -22.55 -31.58
C GLU B 271 -11.30 -23.04 -30.28
N GLU B 272 -10.32 -23.93 -30.37
CA GLU B 272 -9.64 -24.48 -29.22
C GLU B 272 -8.80 -23.43 -28.53
N ARG B 273 -8.14 -22.60 -29.33
CA ARG B 273 -7.43 -21.48 -28.78
C ARG B 273 -8.35 -20.52 -28.04
N ALA B 274 -9.42 -20.11 -28.69
CA ALA B 274 -10.35 -19.12 -28.10
C ALA B 274 -10.85 -19.62 -26.74
N LYS B 275 -11.10 -20.93 -26.65
CA LYS B 275 -11.53 -21.52 -25.40
C LYS B 275 -10.48 -21.67 -24.34
N SER B 276 -9.27 -22.01 -24.74
CA SER B 276 -8.17 -22.09 -23.82
C SER B 276 -7.85 -20.66 -23.38
N ALA B 277 -7.85 -19.66 -24.28
CA ALA B 277 -7.64 -18.27 -23.79
C ALA B 277 -8.72 -17.82 -22.80
N ARG B 278 -9.98 -18.15 -23.11
CA ARG B 278 -11.10 -17.88 -22.18
C ARG B 278 -10.86 -18.50 -20.78
N ALA B 279 -10.34 -19.72 -20.71
CA ALA B 279 -10.06 -20.32 -19.39
C ALA B 279 -9.03 -19.55 -18.59
N MET B 280 -7.96 -19.08 -19.25
CA MET B 280 -6.96 -18.29 -18.58
C MET B 280 -7.57 -16.91 -18.17
N GLU B 281 -8.41 -16.31 -18.97
CA GLU B 281 -9.15 -15.07 -18.57
C GLU B 281 -10.01 -15.29 -17.31
N VAL B 282 -10.67 -16.47 -17.25
CA VAL B 282 -11.45 -16.84 -16.10
C VAL B 282 -10.52 -17.01 -14.88
N TYR B 283 -9.42 -17.74 -15.08
CA TYR B 283 -8.44 -17.93 -14.03
C TYR B 283 -8.01 -16.59 -13.46
N ALA B 284 -7.65 -15.69 -14.36
CA ALA B 284 -7.23 -14.34 -13.96
C ALA B 284 -8.34 -13.65 -13.12
N ALA B 285 -9.59 -13.73 -13.57
CA ALA B 285 -10.73 -13.21 -12.83
C ALA B 285 -10.91 -13.79 -11.41
N MET B 286 -10.65 -15.09 -11.27
CA MET B 286 -10.69 -15.73 -9.99
C MET B 286 -9.69 -15.14 -9.06
N VAL B 287 -8.47 -14.96 -9.56
CA VAL B 287 -7.43 -14.39 -8.78
C VAL B 287 -7.79 -12.95 -8.43
N GLU B 288 -8.30 -12.18 -9.36
CA GLU B 288 -8.65 -10.75 -9.02
C GLU B 288 -9.77 -10.72 -7.97
N ARG B 289 -10.68 -11.68 -8.05
CA ARG B 289 -11.85 -11.69 -7.15
C ARG B 289 -11.46 -12.16 -5.75
N MET B 290 -10.57 -13.16 -5.66
CA MET B 290 -9.90 -13.47 -4.45
C MET B 290 -9.27 -12.25 -3.83
N ASP B 291 -8.39 -11.61 -4.55
CA ASP B 291 -7.70 -10.44 -4.05
C ASP B 291 -8.65 -9.33 -3.53
N TRP B 292 -9.74 -9.12 -4.23
CA TRP B 292 -10.81 -8.20 -3.82
C TRP B 292 -11.43 -8.60 -2.47
N ASN B 293 -11.65 -9.91 -2.28
CA ASN B 293 -12.08 -10.41 -1.00
C ASN B 293 -11.07 -10.27 0.12
N ILE B 294 -9.82 -10.51 -0.21
CA ILE B 294 -8.77 -10.23 0.72
C ILE B 294 -8.78 -8.75 1.08
N GLY B 295 -9.00 -7.89 0.11
CA GLY B 295 -9.00 -6.45 0.40
C GLY B 295 -10.15 -6.01 1.28
N ARG B 296 -11.33 -6.64 1.15
CA ARG B 296 -12.41 -6.34 2.07
C ARG B 296 -12.01 -6.66 3.50
N VAL B 297 -11.34 -7.80 3.70
CA VAL B 297 -10.91 -8.23 5.03
C VAL B 297 -9.87 -7.29 5.58
N VAL B 298 -8.87 -6.98 4.75
CA VAL B 298 -7.77 -6.16 5.16
C VAL B 298 -8.19 -4.69 5.39
N ASP B 299 -9.13 -4.20 4.60
N ASP B 299 -9.13 -4.18 4.58
CA ASP B 299 -9.61 -2.84 4.78
CA ASP B 299 -9.64 -2.83 4.72
C ASP B 299 -10.34 -2.68 6.09
C ASP B 299 -10.33 -2.69 6.09
N TYR B 300 -11.06 -3.73 6.51
CA TYR B 300 -11.79 -3.68 7.77
C TYR B 300 -10.80 -3.64 8.95
N LEU B 301 -9.78 -4.50 8.90
CA LEU B 301 -8.72 -4.51 9.90
C LEU B 301 -8.00 -3.17 10.04
N ARG B 302 -7.77 -2.54 8.90
CA ARG B 302 -7.09 -1.26 8.80
C ARG B 302 -7.92 -0.16 9.44
N ARG B 303 -9.21 -0.13 9.11
CA ARG B 303 -10.16 0.80 9.68
C ARG B 303 -10.32 0.61 11.16
N GLN B 304 -10.19 -0.62 11.64
CA GLN B 304 -10.21 -0.92 13.08
C GLN B 304 -8.93 -0.59 13.80
N GLY B 305 -7.91 -0.18 13.11
CA GLY B 305 -6.63 0.10 13.72
C GLY B 305 -5.88 -1.15 14.13
N GLU B 306 -6.20 -2.31 13.55
CA GLU B 306 -5.56 -3.59 13.90
C GLU B 306 -4.48 -4.07 12.92
N LEU B 307 -4.43 -3.56 11.69
CA LEU B 307 -3.55 -4.21 10.67
C LEU B 307 -2.08 -4.20 11.01
N ASP B 308 -1.58 -3.10 11.51
CA ASP B 308 -0.17 -3.03 11.88
C ASP B 308 0.24 -3.96 13.05
N ASN B 309 -0.75 -4.35 13.84
CA ASN B 309 -0.59 -5.30 14.95
C ASN B 309 -1.14 -6.73 14.55
N THR B 310 -1.29 -6.94 13.24
CA THR B 310 -1.61 -8.25 12.66
C THR B 310 -0.41 -8.76 11.82
N PHE B 311 0.10 -9.95 12.16
CA PHE B 311 1.10 -10.66 11.31
C PHE B 311 0.32 -11.35 10.18
N VAL B 312 0.60 -10.91 8.94
CA VAL B 312 -0.18 -11.28 7.75
C VAL B 312 0.75 -12.19 6.94
N LEU B 313 0.35 -13.44 6.80
CA LEU B 313 1.04 -14.37 5.92
C LEU B 313 0.12 -14.72 4.76
N PHE B 314 0.63 -14.61 3.54
CA PHE B 314 -0.03 -15.05 2.33
C PHE B 314 0.90 -16.07 1.64
N MET B 315 0.31 -17.16 1.20
CA MET B 315 1.00 -18.16 0.40
C MET B 315 0.05 -18.88 -0.54
N SER B 316 0.59 -19.47 -1.62
CA SER B 316 -0.15 -20.53 -2.27
C SER B 316 0.21 -21.81 -1.57
N ASP B 317 -0.64 -22.83 -1.69
CA ASP B 317 -0.45 -24.13 -1.07
C ASP B 317 0.38 -25.18 -1.87
N ASN B 318 0.71 -24.89 -3.13
CA ASN B 318 1.49 -25.78 -4.00
C ASN B 318 1.67 -25.07 -5.30
N GLY B 319 2.37 -25.71 -6.23
CA GLY B 319 2.64 -25.11 -7.55
C GLY B 319 1.38 -24.93 -8.37
N ALA B 320 1.48 -24.13 -9.42
CA ALA B 320 0.35 -24.02 -10.35
C ALA B 320 -0.10 -25.39 -10.88
N GLU B 321 -1.39 -25.52 -11.19
CA GLU B 321 -2.03 -26.80 -11.49
C GLU B 321 -1.96 -27.14 -13.02
N GLY B 322 -1.01 -27.96 -13.42
CA GLY B 322 -0.88 -28.29 -14.83
C GLY B 322 -1.60 -29.56 -15.21
N ALA B 323 -2.29 -30.22 -14.25
CA ALA B 323 -2.98 -31.49 -14.49
C ALA B 323 -3.95 -31.42 -15.66
N LEU B 324 -3.99 -32.55 -16.37
CA LEU B 324 -5.00 -32.87 -17.34
C LEU B 324 -5.88 -33.92 -16.62
N LEU B 325 -7.06 -33.49 -16.24
CA LEU B 325 -7.96 -34.30 -15.45
C LEU B 325 -8.42 -35.55 -16.22
N GLU B 326 -8.61 -35.40 -17.53
CA GLU B 326 -8.93 -36.49 -18.45
C GLU B 326 -7.86 -37.57 -18.64
N ALA B 327 -6.61 -37.27 -18.31
CA ALA B 327 -5.46 -38.15 -18.58
C ALA B 327 -5.32 -39.31 -17.60
N PHE B 328 -5.83 -39.15 -16.36
CA PHE B 328 -5.77 -40.14 -15.30
C PHE B 328 -7.07 -40.97 -15.18
N PRO B 329 -7.01 -42.29 -15.44
CA PRO B 329 -8.25 -43.09 -15.29
C PRO B 329 -8.91 -43.19 -13.87
N LYS B 330 -8.12 -43.08 -12.81
CA LYS B 330 -8.66 -43.04 -11.43
C LYS B 330 -9.62 -41.87 -11.21
N PHE B 331 -9.43 -40.76 -11.95
CA PHE B 331 -10.37 -39.61 -11.94
C PHE B 331 -11.69 -39.81 -12.73
N GLY B 332 -11.79 -40.88 -13.51
CA GLY B 332 -12.96 -41.11 -14.37
C GLY B 332 -13.92 -42.13 -13.74
N PRO B 333 -14.52 -43.05 -14.51
CA PRO B 333 -14.16 -43.24 -15.92
C PRO B 333 -14.97 -42.30 -16.77
N ASP B 334 -14.42 -41.95 -17.92
CA ASP B 334 -15.14 -41.21 -18.91
C ASP B 334 -15.52 -39.82 -18.37
N LEU B 335 -14.55 -39.09 -17.82
CA LEU B 335 -14.80 -37.74 -17.31
C LEU B 335 -15.33 -36.85 -18.43
N LEU B 336 -14.65 -36.85 -19.57
CA LEU B 336 -14.99 -35.91 -20.68
C LEU B 336 -16.36 -36.17 -21.21
N ASP B 337 -16.72 -37.44 -21.28
CA ASP B 337 -18.02 -37.81 -21.76
C ASP B 337 -19.06 -37.34 -20.77
N PHE B 338 -18.80 -37.52 -19.48
CA PHE B 338 -19.72 -37.02 -18.50
C PHE B 338 -19.91 -35.48 -18.60
N LEU B 339 -18.79 -34.76 -18.73
CA LEU B 339 -18.80 -33.31 -18.77
C LEU B 339 -19.50 -32.84 -19.97
N ASP B 340 -19.33 -33.59 -21.06
CA ASP B 340 -20.04 -33.30 -22.28
C ASP B 340 -21.57 -33.41 -22.14
N ARG B 341 -22.04 -34.36 -21.33
CA ARG B 341 -23.48 -34.51 -21.11
C ARG B 341 -24.07 -33.54 -20.05
N HIS B 342 -23.26 -33.01 -19.11
CA HIS B 342 -23.80 -32.32 -17.94
C HIS B 342 -23.41 -30.89 -17.77
N TYR B 343 -22.42 -30.47 -18.58
CA TYR B 343 -21.85 -29.12 -18.50
C TYR B 343 -21.77 -28.54 -19.88
N ASP B 344 -21.55 -27.23 -19.96
CA ASP B 344 -21.52 -26.50 -21.19
C ASP B 344 -20.19 -25.69 -21.21
N ASN B 345 -19.25 -26.23 -21.95
CA ASN B 345 -17.93 -25.67 -22.08
C ASN B 345 -17.70 -25.00 -23.42
N SER B 346 -18.76 -24.63 -24.11
CA SER B 346 -18.70 -23.73 -25.20
C SER B 346 -18.10 -22.41 -24.71
N LEU B 347 -17.52 -21.69 -25.65
CA LEU B 347 -16.77 -20.51 -25.39
C LEU B 347 -17.55 -19.54 -24.52
N GLU B 348 -18.77 -19.22 -24.91
CA GLU B 348 -19.56 -18.19 -24.20
C GLU B 348 -19.92 -18.58 -22.78
N ASN B 349 -20.00 -19.88 -22.50
CA ASN B 349 -20.31 -20.35 -21.21
C ASN B 349 -19.14 -20.52 -20.20
N ILE B 350 -17.90 -20.63 -20.70
CA ILE B 350 -16.77 -20.92 -19.84
C ILE B 350 -16.66 -19.91 -18.76
N GLY B 351 -16.56 -20.38 -17.51
CA GLY B 351 -16.48 -19.51 -16.35
C GLY B 351 -17.77 -19.43 -15.52
N SER B 352 -18.91 -19.75 -16.11
CA SER B 352 -20.19 -20.00 -15.34
C SER B 352 -20.25 -21.33 -14.54
N ALA B 353 -21.28 -21.39 -13.66
CA ALA B 353 -21.53 -22.50 -12.74
C ALA B 353 -21.64 -23.82 -13.45
N ASN B 354 -22.19 -23.84 -14.65
CA ASN B 354 -22.37 -25.14 -15.36
C ASN B 354 -21.32 -25.37 -16.50
N SER B 355 -20.14 -24.72 -16.36
CA SER B 355 -18.92 -25.08 -17.09
C SER B 355 -17.98 -25.80 -16.12
N TYR B 356 -17.09 -26.63 -16.64
CA TYR B 356 -16.10 -27.25 -15.80
C TYR B 356 -14.80 -27.33 -16.61
N VAL B 357 -13.89 -26.40 -16.38
CA VAL B 357 -12.65 -26.39 -17.15
C VAL B 357 -11.47 -26.34 -16.21
N TRP B 358 -10.33 -26.81 -16.73
CA TRP B 358 -9.03 -26.62 -16.10
C TRP B 358 -8.12 -26.05 -17.20
N TYR B 359 -7.08 -25.37 -16.84
CA TYR B 359 -6.32 -24.67 -17.91
C TYR B 359 -5.09 -25.43 -18.47
N GLY B 360 -4.69 -26.51 -17.82
CA GLY B 360 -3.76 -27.52 -18.40
C GLY B 360 -2.29 -27.09 -18.24
N PRO B 361 -1.37 -27.91 -18.77
CA PRO B 361 0.02 -27.81 -18.34
C PRO B 361 0.81 -26.65 -18.85
N ARG B 362 0.37 -26.02 -19.92
CA ARG B 362 1.23 -25.00 -20.53
C ARG B 362 0.92 -23.65 -19.88
N TRP B 363 -0.35 -23.37 -19.60
CA TRP B 363 -0.70 -22.17 -18.85
C TRP B 363 -0.04 -22.23 -17.46
N ALA B 364 0.02 -23.44 -16.89
CA ALA B 364 0.57 -23.64 -15.53
C ALA B 364 2.05 -23.39 -15.52
N GLN B 365 2.77 -23.98 -16.50
CA GLN B 365 4.16 -23.73 -16.63
C GLN B 365 4.49 -22.27 -16.93
N ALA B 366 3.59 -21.47 -17.43
CA ALA B 366 3.95 -20.05 -17.62
C ALA B 366 4.19 -19.39 -16.29
N ALA B 367 3.43 -19.84 -15.28
CA ALA B 367 3.42 -19.26 -13.93
C ALA B 367 4.38 -19.89 -12.96
N THR B 368 4.79 -21.17 -13.16
CA THR B 368 5.88 -21.72 -12.36
C THR B 368 7.26 -21.33 -12.86
N ALA B 369 7.39 -20.81 -14.08
CA ALA B 369 8.75 -20.53 -14.62
C ALA B 369 9.49 -19.51 -13.77
N PRO B 370 10.82 -19.67 -13.59
CA PRO B 370 11.71 -20.57 -14.38
C PRO B 370 11.79 -22.01 -13.86
N SER B 371 10.95 -22.32 -12.87
CA SER B 371 11.02 -23.67 -12.27
C SER B 371 10.54 -24.77 -13.13
N ARG B 372 11.05 -25.95 -12.83
CA ARG B 372 10.71 -27.15 -13.49
C ARG B 372 9.37 -27.68 -13.04
N LEU B 373 8.47 -27.81 -14.02
CA LEU B 373 7.13 -28.44 -13.88
C LEU B 373 6.16 -27.71 -12.94
N TYR B 374 5.35 -28.42 -12.14
CA TYR B 374 4.16 -27.84 -11.53
C TYR B 374 3.60 -28.75 -10.45
N LYS B 375 2.44 -28.38 -9.90
CA LYS B 375 1.77 -29.14 -8.85
C LYS B 375 1.87 -30.66 -9.02
N ALA B 376 2.05 -31.34 -7.91
CA ALA B 376 2.12 -32.78 -7.80
C ALA B 376 3.49 -33.33 -8.16
N PHE B 377 4.45 -32.49 -8.55
CA PHE B 377 5.84 -32.93 -8.69
C PHE B 377 6.69 -32.37 -7.57
N THR B 378 7.78 -33.06 -7.25
CA THR B 378 8.69 -32.64 -6.20
C THR B 378 9.79 -31.75 -6.71
N THR B 379 9.77 -31.41 -8.00
CA THR B 379 10.66 -30.39 -8.49
C THR B 379 10.19 -29.01 -7.94
N GLN B 380 10.97 -27.98 -8.17
CA GLN B 380 10.70 -26.67 -7.63
C GLN B 380 9.38 -26.09 -8.10
N GLY B 381 8.94 -26.47 -9.29
CA GLY B 381 7.67 -26.02 -9.82
C GLY B 381 6.44 -26.40 -9.03
N GLY B 382 6.50 -27.59 -8.46
CA GLY B 382 5.45 -28.03 -7.63
C GLY B 382 5.55 -27.64 -6.17
N ILE B 383 6.74 -27.35 -5.68
CA ILE B 383 6.93 -27.06 -4.25
C ILE B 383 7.35 -25.64 -3.89
N ARG B 384 7.92 -24.88 -4.81
CA ARG B 384 8.31 -23.50 -4.49
C ARG B 384 7.08 -22.62 -4.78
N VAL B 385 6.58 -21.96 -3.75
CA VAL B 385 5.36 -21.15 -3.95
C VAL B 385 5.59 -19.68 -3.53
N PRO B 386 4.77 -18.76 -4.04
CA PRO B 386 4.91 -17.38 -3.59
C PRO B 386 4.40 -17.23 -2.17
N ALA B 387 5.10 -16.42 -1.40
CA ALA B 387 4.76 -16.17 0.00
C ALA B 387 5.16 -14.76 0.34
N LEU B 388 4.36 -14.11 1.17
CA LEU B 388 4.75 -12.85 1.71
C LEU B 388 4.41 -12.83 3.20
N VAL B 389 5.26 -12.16 3.97
CA VAL B 389 4.98 -11.86 5.37
C VAL B 389 4.87 -10.31 5.56
N ARG B 390 3.72 -9.82 5.96
CA ARG B 390 3.56 -8.38 6.27
C ARG B 390 3.27 -8.19 7.77
N TYR B 391 4.27 -7.68 8.48
CA TYR B 391 4.17 -7.34 9.91
C TYR B 391 5.19 -6.25 10.26
N PRO B 392 4.71 -5.00 10.44
CA PRO B 392 5.68 -3.91 10.54
C PRO B 392 6.64 -3.88 11.75
N ARG B 393 6.39 -4.67 12.79
CA ARG B 393 7.29 -4.78 13.95
C ARG B 393 8.61 -5.53 13.60
N LEU B 394 8.64 -6.31 12.52
CA LEU B 394 9.84 -7.05 12.14
C LEU B 394 10.79 -6.14 11.40
N SER B 395 12.08 -6.46 11.47
CA SER B 395 13.10 -5.64 10.88
C SER B 395 13.12 -5.84 9.36
N ARG B 396 13.01 -7.10 8.89
CA ARG B 396 13.04 -7.41 7.46
C ARG B 396 11.68 -7.24 6.77
N GLN B 397 11.40 -6.03 6.32
CA GLN B 397 10.25 -5.66 5.55
C GLN B 397 10.67 -4.78 4.38
N GLY B 398 9.92 -4.83 3.30
CA GLY B 398 10.13 -4.03 2.09
C GLY B 398 11.12 -4.61 1.10
N ALA B 399 11.49 -5.87 1.28
CA ALA B 399 12.53 -6.49 0.48
C ALA B 399 12.09 -7.86 -0.05
N ILE B 400 12.92 -8.37 -0.94
CA ILE B 400 12.75 -9.69 -1.53
C ILE B 400 13.81 -10.53 -0.89
N SER B 401 13.43 -11.64 -0.26
CA SER B 401 14.42 -12.54 0.30
C SER B 401 14.42 -13.88 -0.37
N HIS B 402 15.63 -14.38 -0.59
CA HIS B 402 15.87 -15.72 -1.15
C HIS B 402 16.33 -16.74 -0.09
N ALA B 403 16.15 -16.43 1.20
CA ALA B 403 16.48 -17.38 2.25
C ALA B 403 15.52 -18.57 2.20
N PHE B 404 16.03 -19.79 2.38
CA PHE B 404 15.21 -21.01 2.38
C PHE B 404 14.25 -21.08 3.54
N ALA B 405 13.02 -21.50 3.28
CA ALA B 405 12.00 -21.56 4.31
C ALA B 405 10.96 -22.58 3.90
N THR B 406 10.30 -23.17 4.88
CA THR B 406 9.19 -23.98 4.54
C THR B 406 7.94 -23.68 5.32
N VAL B 407 6.85 -24.18 4.76
CA VAL B 407 5.55 -24.21 5.39
C VAL B 407 5.56 -24.77 6.83
N MET B 408 6.54 -25.60 7.18
CA MET B 408 6.70 -26.14 8.55
C MET B 408 7.17 -25.12 9.59
N ASP B 409 7.75 -24.02 9.08
CA ASP B 409 8.19 -22.92 9.88
C ASP B 409 7.05 -22.05 10.48
N VAL B 410 5.84 -22.16 9.96
CA VAL B 410 4.83 -21.17 10.23
C VAL B 410 4.25 -21.36 11.66
N THR B 411 3.86 -22.58 12.00
CA THR B 411 3.34 -22.89 13.30
C THR B 411 4.31 -22.41 14.45
N PRO B 412 5.62 -22.73 14.36
CA PRO B 412 6.59 -22.31 15.35
C PRO B 412 6.81 -20.82 15.41
N THR B 413 6.72 -20.15 14.26
CA THR B 413 6.91 -18.72 14.17
C THR B 413 5.79 -18.03 14.90
N LEU B 414 4.58 -18.52 14.71
CA LEU B 414 3.37 -17.95 15.24
C LEU B 414 3.19 -18.23 16.73
N LEU B 415 3.47 -19.46 17.15
CA LEU B 415 3.59 -19.76 18.60
C LEU B 415 4.58 -18.79 19.26
N ASP B 416 5.78 -18.68 18.69
CA ASP B 416 6.78 -17.74 19.15
C ASP B 416 6.22 -16.33 19.31
N LEU B 417 5.55 -15.80 18.29
CA LEU B 417 4.94 -14.46 18.38
C LEU B 417 3.80 -14.32 19.37
N ALA B 418 3.00 -15.38 19.52
CA ALA B 418 1.95 -15.40 20.48
C ALA B 418 2.46 -15.62 21.93
N GLY B 419 3.76 -15.90 22.11
CA GLY B 419 4.34 -16.18 23.42
C GLY B 419 3.79 -17.47 24.00
N VAL B 420 3.59 -18.48 23.17
CA VAL B 420 2.99 -19.77 23.55
C VAL B 420 4.03 -20.85 23.31
N ARG B 421 4.41 -21.61 24.34
CA ARG B 421 5.43 -22.67 24.16
C ARG B 421 4.70 -23.88 23.57
N HIS B 422 5.36 -24.53 22.61
CA HIS B 422 4.84 -25.77 22.05
C HIS B 422 4.88 -26.78 23.19
N PRO B 423 3.80 -27.54 23.41
CA PRO B 423 3.74 -28.36 24.61
C PRO B 423 4.69 -29.56 24.64
N GLY B 424 5.59 -29.68 23.67
CA GLY B 424 6.45 -30.84 23.57
C GLY B 424 5.70 -32.11 23.20
N LYS B 425 6.11 -33.21 23.81
CA LYS B 425 5.74 -34.57 23.38
C LYS B 425 4.42 -35.12 23.89
N ARG B 426 3.69 -34.35 24.68
CA ARG B 426 2.40 -34.77 25.26
C ARG B 426 1.38 -33.65 25.07
N TRP B 427 0.11 -33.98 24.87
CA TRP B 427 -0.96 -32.95 24.87
C TRP B 427 -2.33 -33.58 25.03
N ARG B 428 -3.15 -33.05 25.94
N ARG B 428 -3.17 -33.08 25.94
CA ARG B 428 -4.45 -33.61 26.28
CA ARG B 428 -4.51 -33.67 26.18
C ARG B 428 -4.36 -35.13 26.52
C ARG B 428 -4.38 -35.18 26.49
N GLY B 429 -3.30 -35.55 27.21
CA GLY B 429 -3.06 -36.97 27.56
C GLY B 429 -2.76 -37.94 26.44
N ARG B 430 -1.75 -37.62 25.61
CA ARG B 430 -1.48 -38.41 24.42
C ARG B 430 -0.13 -37.99 23.84
N GLU B 431 0.64 -38.96 23.33
CA GLU B 431 1.96 -38.67 22.76
C GLU B 431 1.79 -37.93 21.42
N ILE B 432 2.62 -36.91 21.19
CA ILE B 432 2.54 -36.12 19.93
C ILE B 432 3.88 -35.74 19.34
N ALA B 433 3.87 -35.47 18.04
CA ALA B 433 5.04 -35.01 17.32
C ALA B 433 5.29 -33.56 17.69
N GLU B 434 6.57 -33.24 17.68
CA GLU B 434 7.06 -31.91 17.84
C GLU B 434 7.39 -31.37 16.45
N PRO B 435 7.37 -30.03 16.30
CA PRO B 435 7.66 -29.43 15.01
C PRO B 435 9.04 -29.79 14.45
N ARG B 436 9.10 -30.07 13.14
CA ARG B 436 10.38 -30.10 12.39
C ARG B 436 10.82 -28.74 11.86
N GLY B 437 9.91 -27.77 11.74
CA GLY B 437 10.27 -26.44 11.27
C GLY B 437 11.03 -25.65 12.33
N ARG B 438 11.37 -24.42 12.00
CA ARG B 438 12.02 -23.49 12.92
C ARG B 438 11.33 -22.11 12.89
N SER B 439 11.25 -21.46 14.02
CA SER B 439 10.76 -20.08 14.11
C SER B 439 11.54 -19.14 13.21
N TRP B 440 10.79 -18.35 12.43
CA TRP B 440 11.37 -17.27 11.63
C TRP B 440 11.78 -16.01 12.40
N LEU B 441 11.51 -15.94 13.71
CA LEU B 441 11.59 -14.67 14.44
C LEU B 441 13.00 -14.11 14.49
N GLY B 442 13.99 -14.98 14.59
CA GLY B 442 15.41 -14.56 14.61
C GLY B 442 15.77 -13.84 13.32
N TRP B 443 15.50 -14.54 12.23
CA TRP B 443 15.70 -14.01 10.89
C TRP B 443 14.96 -12.72 10.61
N LEU B 444 13.67 -12.69 10.88
CA LEU B 444 12.82 -11.54 10.55
C LEU B 444 13.02 -10.34 11.43
N SER B 445 13.47 -10.58 12.65
CA SER B 445 13.86 -9.52 13.56
C SER B 445 15.27 -9.01 13.24
N GLY B 446 15.96 -9.62 12.26
CA GLY B 446 17.24 -9.13 11.81
C GLY B 446 18.45 -9.66 12.60
N GLU B 447 18.21 -10.52 13.58
CA GLU B 447 19.31 -11.13 14.36
C GLU B 447 20.12 -12.16 13.57
N THR B 448 19.48 -12.83 12.61
CA THR B 448 20.18 -13.75 11.75
C THR B 448 19.85 -13.45 10.31
N GLU B 449 20.67 -13.96 9.40
CA GLU B 449 20.47 -13.76 7.97
C GLU B 449 19.42 -14.71 7.42
N ALA B 450 19.14 -15.82 8.11
CA ALA B 450 18.14 -16.79 7.69
C ALA B 450 17.75 -17.74 8.81
N ALA B 451 16.62 -18.42 8.65
CA ALA B 451 16.17 -19.38 9.71
C ALA B 451 16.79 -20.75 9.60
N HIS B 452 17.45 -21.04 8.47
CA HIS B 452 18.06 -22.33 8.20
C HIS B 452 19.43 -22.06 7.63
N ASP B 453 20.21 -23.08 7.36
CA ASP B 453 21.58 -22.85 6.91
C ASP B 453 22.05 -23.98 6.00
N GLU B 454 23.33 -24.00 5.65
CA GLU B 454 23.81 -24.95 4.69
C GLU B 454 23.69 -26.43 5.12
N ASN B 455 23.42 -26.70 6.40
CA ASN B 455 23.23 -28.11 6.83
C ASN B 455 21.80 -28.52 7.04
N THR B 456 20.86 -27.60 6.94
CA THR B 456 19.45 -27.96 7.05
C THR B 456 19.09 -28.98 5.99
N VAL B 457 18.48 -30.08 6.43
CA VAL B 457 18.03 -31.16 5.58
C VAL B 457 16.50 -31.21 5.53
N THR B 458 15.91 -31.24 4.34
CA THR B 458 14.43 -31.27 4.22
C THR B 458 14.00 -32.27 3.17
N GLY B 459 12.96 -33.06 3.47
CA GLY B 459 12.48 -34.16 2.63
C GLY B 459 11.08 -33.92 2.11
N TRP B 460 10.85 -34.32 0.85
CA TRP B 460 9.51 -34.38 0.30
C TRP B 460 9.22 -35.74 -0.31
N GLY B 461 7.96 -36.14 -0.26
CA GLY B 461 7.59 -37.44 -0.79
C GLY B 461 6.10 -37.62 -1.00
N LEU B 462 5.69 -37.79 -2.25
CA LEU B 462 4.31 -37.88 -2.61
C LEU B 462 4.14 -38.35 -4.07
N PHE B 463 3.13 -39.16 -4.28
CA PHE B 463 2.79 -39.75 -5.60
C PHE B 463 3.93 -40.54 -6.24
N GLY B 464 4.79 -41.09 -5.41
CA GLY B 464 5.98 -41.83 -5.86
C GLY B 464 7.21 -41.02 -6.17
N MET B 465 7.12 -39.71 -5.93
CA MET B 465 8.21 -38.82 -6.25
C MET B 465 8.87 -38.49 -4.97
N ARG B 466 10.10 -38.04 -5.07
CA ARG B 466 10.93 -37.74 -3.93
C ARG B 466 11.74 -36.49 -4.16
N ALA B 467 12.05 -35.82 -3.08
CA ALA B 467 13.13 -34.88 -3.04
C ALA B 467 13.73 -34.85 -1.65
N ILE B 468 15.00 -34.51 -1.64
CA ILE B 468 15.75 -34.32 -0.42
C ILE B 468 16.66 -33.14 -0.70
N ARG B 469 16.63 -32.18 0.19
CA ARG B 469 17.51 -31.01 0.05
C ARG B 469 18.45 -30.73 1.27
N GLN B 470 19.72 -30.43 1.02
CA GLN B 470 20.59 -29.93 2.11
C GLN B 470 21.25 -28.64 1.69
N GLY B 471 21.01 -27.54 2.43
CA GLY B 471 21.49 -26.26 1.98
C GLY B 471 20.91 -25.93 0.59
N ASP B 472 21.77 -25.68 -0.39
CA ASP B 472 21.32 -25.48 -1.80
C ASP B 472 21.33 -26.75 -2.66
N TRP B 473 21.76 -27.89 -2.11
CA TRP B 473 21.90 -29.10 -2.95
C TRP B 473 20.61 -29.86 -2.85
N LYS B 474 20.00 -30.17 -3.99
CA LYS B 474 18.75 -30.92 -4.00
C LYS B 474 18.85 -32.12 -4.90
N ALA B 475 18.35 -33.26 -4.41
CA ALA B 475 18.25 -34.45 -5.20
C ALA B 475 16.80 -34.66 -5.45
N VAL B 476 16.46 -35.10 -6.66
CA VAL B 476 15.06 -35.34 -7.08
C VAL B 476 14.91 -36.72 -7.67
N TYR B 477 13.77 -37.36 -7.44
CA TYR B 477 13.47 -38.64 -8.03
C TYR B 477 12.07 -38.64 -8.60
N LEU B 478 11.98 -38.67 -9.92
CA LEU B 478 10.68 -38.71 -10.60
C LEU B 478 10.51 -40.07 -11.26
N PRO B 479 9.47 -40.85 -10.90
CA PRO B 479 9.28 -42.12 -11.56
C PRO B 479 8.74 -41.97 -13.00
N ALA B 480 8.74 -43.10 -13.73
CA ALA B 480 8.05 -43.24 -15.03
C ALA B 480 6.54 -43.04 -14.87
N PRO B 481 5.86 -42.43 -15.85
CA PRO B 481 6.40 -42.04 -17.13
C PRO B 481 6.95 -40.62 -17.11
N VAL B 482 6.98 -39.96 -15.95
CA VAL B 482 7.21 -38.50 -15.95
C VAL B 482 8.62 -38.14 -15.63
N GLY B 483 9.46 -39.14 -15.39
CA GLY B 483 10.88 -38.90 -15.25
C GLY B 483 11.65 -40.18 -15.42
N PRO B 484 12.99 -40.10 -15.27
CA PRO B 484 13.85 -41.25 -15.55
C PRO B 484 13.86 -42.33 -14.46
N ALA B 485 13.10 -42.17 -13.37
CA ALA B 485 13.09 -43.16 -12.28
C ALA B 485 14.51 -43.41 -11.77
N THR B 486 15.28 -42.32 -11.64
CA THR B 486 16.55 -42.30 -10.95
C THR B 486 16.76 -40.92 -10.30
N TRP B 487 17.62 -40.89 -9.29
CA TRP B 487 17.99 -39.67 -8.62
C TRP B 487 18.81 -38.73 -9.50
N GLN B 488 18.40 -37.47 -9.50
CA GLN B 488 19.10 -36.43 -10.25
C GLN B 488 19.52 -35.43 -9.20
N LEU B 489 20.66 -34.78 -9.37
CA LEU B 489 21.21 -33.91 -8.39
C LEU B 489 21.28 -32.52 -8.98
N TYR B 490 20.90 -31.53 -8.19
CA TYR B 490 20.91 -30.16 -8.66
C TYR B 490 21.54 -29.21 -7.62
N ASP B 491 22.30 -28.25 -8.12
CA ASP B 491 22.81 -27.13 -7.32
C ASP B 491 21.85 -25.96 -7.50
N LEU B 492 20.92 -25.78 -6.57
CA LEU B 492 19.85 -24.76 -6.74
C LEU B 492 20.34 -23.32 -6.78
N ALA B 493 21.50 -23.04 -6.19
CA ALA B 493 22.09 -21.72 -6.25
C ALA B 493 22.50 -21.41 -7.68
N ARG B 494 23.09 -22.37 -8.37
CA ARG B 494 23.50 -22.17 -9.79
C ARG B 494 22.41 -22.49 -10.84
N ASP B 495 21.44 -23.34 -10.52
CA ASP B 495 20.54 -23.95 -11.51
C ASP B 495 19.15 -24.08 -10.87
N PRO B 496 18.49 -22.93 -10.59
CA PRO B 496 17.12 -22.99 -10.07
C PRO B 496 16.11 -23.77 -10.96
N GLY B 497 16.39 -23.86 -12.26
CA GLY B 497 15.55 -24.58 -13.18
C GLY B 497 15.62 -26.07 -13.10
N GLU B 498 16.62 -26.60 -12.38
CA GLU B 498 16.88 -28.05 -12.24
C GLU B 498 17.04 -28.62 -13.64
N ILE B 499 17.93 -27.99 -14.39
CA ILE B 499 18.25 -28.41 -15.74
C ILE B 499 19.47 -29.33 -15.77
N HIS B 500 20.46 -29.09 -14.93
CA HIS B 500 21.79 -29.71 -15.16
C HIS B 500 22.02 -30.78 -14.08
N ASP B 501 21.75 -32.02 -14.44
CA ASP B 501 21.89 -33.13 -13.52
C ASP B 501 23.35 -33.32 -13.19
N LEU B 502 23.69 -33.32 -11.90
CA LEU B 502 25.08 -33.41 -11.43
C LEU B 502 25.39 -34.72 -10.75
N ALA B 503 24.51 -35.71 -10.90
CA ALA B 503 24.69 -37.01 -10.29
C ALA B 503 25.98 -37.74 -10.69
N ASP B 504 26.44 -37.54 -11.93
CA ASP B 504 27.71 -38.14 -12.38
C ASP B 504 28.91 -37.26 -12.07
N SER B 505 28.67 -35.96 -12.01
CA SER B 505 29.68 -34.99 -11.75
C SER B 505 30.05 -34.90 -10.25
N GLN B 506 29.09 -35.19 -9.37
CA GLN B 506 29.24 -35.01 -7.92
C GLN B 506 28.62 -36.21 -7.21
N PRO B 507 29.15 -37.42 -7.45
CA PRO B 507 28.52 -38.63 -6.87
C PRO B 507 28.59 -38.70 -5.31
N GLY B 508 29.65 -38.15 -4.71
CA GLY B 508 29.76 -38.07 -3.26
C GLY B 508 28.67 -37.21 -2.65
N LYS B 509 28.46 -36.03 -3.20
CA LYS B 509 27.34 -35.20 -2.77
C LYS B 509 26.03 -35.92 -2.89
N LEU B 510 25.82 -36.61 -4.01
CA LEU B 510 24.54 -37.37 -4.19
C LEU B 510 24.36 -38.50 -3.20
N ALA B 511 25.42 -39.24 -2.96
CA ALA B 511 25.39 -40.33 -1.98
C ALA B 511 25.01 -39.83 -0.55
N GLU B 512 25.55 -38.68 -0.18
CA GLU B 512 25.22 -38.01 1.07
C GLU B 512 23.72 -37.72 1.17
N LEU B 513 23.15 -37.20 0.06
CA LEU B 513 21.73 -36.87 0.04
C LEU B 513 20.85 -38.07 0.11
N ILE B 514 21.27 -39.15 -0.55
CA ILE B 514 20.52 -40.40 -0.46
C ILE B 514 20.49 -40.92 0.96
N GLU B 515 21.58 -40.73 1.71
CA GLU B 515 21.60 -41.07 3.13
C GLU B 515 20.59 -40.25 3.90
N HIS B 516 20.57 -38.95 3.65
CA HIS B 516 19.54 -38.13 4.32
C HIS B 516 18.14 -38.53 3.94
N TRP B 517 17.95 -38.96 2.69
CA TRP B 517 16.63 -39.37 2.24
C TRP B 517 16.11 -40.55 3.07
N LYS B 518 16.98 -41.54 3.32
CA LYS B 518 16.59 -42.69 4.16
C LYS B 518 16.25 -42.31 5.59
N ARG B 519 16.96 -41.32 6.16
CA ARG B 519 16.67 -40.78 7.52
C ARG B 519 15.29 -40.19 7.55
N TYR B 520 15.02 -39.37 6.51
CA TYR B 520 13.67 -38.78 6.31
C TYR B 520 12.57 -39.80 6.25
N VAL B 521 12.81 -40.86 5.47
CA VAL B 521 11.84 -41.96 5.33
C VAL B 521 11.53 -42.61 6.67
N SER B 522 12.58 -42.94 7.43
CA SER B 522 12.40 -43.57 8.73
C SER B 522 11.86 -42.61 9.80
N ASP B 523 12.32 -41.37 9.86
CA ASP B 523 11.81 -40.36 10.85
C ASP B 523 10.37 -39.90 10.63
N THR B 524 9.91 -39.83 9.37
CA THR B 524 8.52 -39.38 9.08
C THR B 524 7.56 -40.53 8.77
N GLY B 525 8.10 -41.73 8.54
CA GLY B 525 7.26 -42.90 8.24
C GLY B 525 6.73 -42.92 6.80
N VAL B 526 7.60 -42.61 5.84
CA VAL B 526 7.21 -42.59 4.45
C VAL B 526 6.99 -44.03 3.96
N VAL B 527 5.79 -44.31 3.43
CA VAL B 527 5.54 -45.55 2.68
C VAL B 527 5.19 -45.19 1.23
N GLU B 528 5.93 -45.75 0.28
CA GLU B 528 5.88 -45.33 -1.13
C GLU B 528 5.39 -46.45 -2.04
CA CA C . 1.91 27.15 -1.13
S SO4 D . 3.10 31.61 -2.73
O1 SO4 D . 3.66 30.24 -2.63
O2 SO4 D . 2.22 31.87 -1.58
O3 SO4 D . 4.21 32.59 -2.74
O4 SO4 D . 2.32 31.73 -3.99
S SO4 E . -3.68 23.56 23.82
O1 SO4 E . -2.94 23.17 25.04
O2 SO4 E . -4.97 24.16 24.20
O3 SO4 E . -3.92 22.35 23.00
O4 SO4 E . -2.88 24.54 23.05
S SO4 F . -13.46 36.30 -17.59
O1 SO4 F . -13.38 34.86 -17.26
O2 SO4 F . -12.17 36.96 -17.23
O3 SO4 F . -13.71 36.47 -19.04
O4 SO4 F . -14.55 36.93 -16.82
S SO4 G . -24.47 33.67 23.70
O1 SO4 G . -23.96 33.75 25.09
O2 SO4 G . -25.62 32.74 23.66
O3 SO4 G . -24.90 35.01 23.26
O4 SO4 G . -23.40 33.18 22.81
S SO4 H . -4.01 32.00 -17.95
O1 SO4 H . -3.45 30.85 -17.19
O2 SO4 H . -3.23 33.22 -17.64
O3 SO4 H . -3.96 31.72 -19.39
O4 SO4 H . -5.42 32.21 -17.54
S SO4 I . 8.83 16.94 -21.03
O1 SO4 I . 9.10 15.52 -21.36
O2 SO4 I . 8.84 17.12 -19.56
O3 SO4 I . 9.88 17.79 -21.64
O4 SO4 I . 7.51 17.32 -21.57
S SO4 J . 22.94 -1.22 0.31
O1 SO4 J . 22.69 -2.62 0.74
O2 SO4 J . 22.68 -0.31 1.45
O3 SO4 J . 24.34 -1.08 -0.14
O4 SO4 J . 22.02 -0.89 -0.81
O1 MES K . -26.30 21.92 -6.64
C2 MES K . -26.24 20.50 -6.53
C3 MES K . -25.66 20.10 -5.17
N4 MES K . -24.34 20.74 -5.00
C5 MES K . -24.44 22.20 -5.14
C6 MES K . -25.03 22.55 -6.49
C7 MES K . -23.81 20.40 -3.66
C8 MES K . -24.76 20.94 -2.60
S MES K . -24.36 20.27 -1.13
O1S MES K . -25.23 20.84 -0.07
O2S MES K . -22.94 20.58 -0.80
O3S MES K . -24.54 18.81 -1.18
CL CL L . -13.32 2.15 -4.02
CL CL M . 10.55 9.08 -16.94
CL CL N . -12.62 5.52 9.90
CL CL O . 15.53 -6.34 -2.36
CA CA P . -3.79 -26.75 -3.88
S SO4 Q . -5.92 -30.84 -4.57
O1 SO4 Q . -4.49 -31.17 -4.38
O2 SO4 Q . -6.77 -31.85 -3.90
O3 SO4 Q . -6.19 -29.50 -4.00
O4 SO4 Q . -6.23 -30.82 -6.02
S SO4 R . 17.41 -26.81 10.90
O1 SO4 R . 18.61 -27.45 10.33
O2 SO4 R . 17.60 -26.61 12.35
O3 SO4 R . 16.23 -27.67 10.67
O4 SO4 R . 17.18 -25.50 10.25
S SO4 S . 32.34 -35.69 -4.98
O1 SO4 S . 32.86 -36.49 -3.86
O2 SO4 S . 33.17 -34.48 -5.15
O3 SO4 S . 32.39 -36.50 -6.22
O4 SO4 S . 30.94 -35.29 -4.71
S SO4 T . -11.76 -28.73 -20.95
O1 SO4 T . -12.29 -30.02 -20.45
O2 SO4 T . -11.08 -28.02 -19.85
O3 SO4 T . -10.79 -28.99 -22.04
O4 SO4 T . -12.88 -27.91 -21.47
S SO4 U . -22.02 -13.82 -11.93
O1 SO4 U . -21.25 -14.39 -10.79
O2 SO4 U . -22.20 -12.37 -11.71
O3 SO4 U . -21.27 -14.05 -13.18
O4 SO4 U . -23.34 -14.48 -12.01
S SO4 V . -4.43 -31.67 -27.34
O1 SO4 V . -4.52 -32.81 -26.39
O2 SO4 V . -3.64 -30.58 -26.73
O3 SO4 V . -3.77 -32.12 -28.58
O4 SO4 V . -5.79 -31.18 -27.64
O1 MES W . 12.66 -18.08 -26.08
C2 MES W . 12.83 -19.43 -25.64
C3 MES W . 12.83 -19.47 -24.12
N4 MES W . 13.89 -18.58 -23.61
C5 MES W . 13.71 -17.20 -24.09
C6 MES W . 13.69 -17.21 -25.63
C7 MES W . 13.87 -18.57 -22.13
C8 MES W . 15.08 -19.32 -21.59
S MES W . 15.94 -18.32 -20.59
O1S MES W . 17.33 -18.81 -20.47
O2S MES W . 15.31 -18.31 -19.25
O3S MES W . 15.96 -16.95 -21.14
CL CL X . -12.20 -41.96 9.17
CL CL Y . 19.67 -19.67 2.77
CL CL Z . -11.56 -43.94 -18.35
CL CL AA . -16.77 -4.99 -7.42
CL CL BA . -22.82 -33.06 0.15
CL CL CA . -16.66 -0.28 15.57
#